data_5Z6U
#
_entry.id   5Z6U
#
_cell.length_a   69.248
_cell.length_b   87.151
_cell.length_c   122.623
_cell.angle_alpha   90.000
_cell.angle_beta   90.000
_cell.angle_gamma   90.000
#
_symmetry.space_group_name_H-M   'P 21 21 21'
#
loop_
_entity.id
_entity.type
_entity.pdbx_description
1 polymer 'NAD(P)H-dependent D-xylose reductase'
2 non-polymer GLYCEROL
3 water water
#
_entity_poly.entity_id   1
_entity_poly.type   'polypeptide(L)'
_entity_poly.pdbx_seq_one_letter_code
;MSYYHHHHHHDYDIPTTENIYFQGHMPSIKLNSGYDMPAVGFGCWKVDVDTCSEQIYRAIKTGYRLFDGAEDYANEKLVG
AGVKKAIDEGIVKREDLFLTSKLWNNYHHPDNVEKALNRTLSDLQVDYVDLFLIHFPVTFKFVPLEEKYPPGFYCGKGDN
FDYEDVPILETWKALEKLVKAGKIRSIGVSNFPGALLLDLLRGATIKPSVLQVEHHPYLQQPRLIEFAQSRGIAVTAYSS
FGPQSFVELNQGRALNTSPLFENETIKAIAAKHGKSPAQVLLRWSSQRGIAIIPKSNTVPRLLENKDVNSFDLDEQDFAD
IAKLDINLRFNDPWDWDKIPIFV
;
_entity_poly.pdbx_strand_id   A,B
#
loop_
_chem_comp.id
_chem_comp.type
_chem_comp.name
_chem_comp.formula
GOL non-polymer GLYCEROL 'C3 H8 O3'
#
# COMPACT_ATOMS: atom_id res chain seq x y z
N MET A 26 -19.35 -18.77 -20.44
CA MET A 26 -18.63 -19.24 -21.68
C MET A 26 -17.17 -18.76 -21.74
N PRO A 27 -16.92 -17.42 -21.76
CA PRO A 27 -15.51 -17.00 -21.89
C PRO A 27 -14.64 -17.27 -20.63
N SER A 28 -13.34 -17.42 -20.90
CA SER A 28 -12.40 -17.96 -19.96
C SER A 28 -11.15 -17.06 -19.89
N ILE A 29 -10.51 -16.96 -18.73
CA ILE A 29 -9.23 -16.27 -18.58
C ILE A 29 -8.20 -17.31 -18.29
N LYS A 30 -7.15 -17.31 -19.10
CA LYS A 30 -6.03 -18.25 -18.92
C LYS A 30 -5.11 -17.73 -17.80
N LEU A 31 -5.01 -18.45 -16.70
CA LEU A 31 -4.18 -18.01 -15.61
C LEU A 31 -2.69 -18.32 -15.92
N ASN A 32 -1.79 -17.52 -15.35
CA ASN A 32 -0.36 -17.83 -15.47
C ASN A 32 0.03 -19.17 -14.87
N SER A 33 -0.83 -19.83 -14.08
CA SER A 33 -0.57 -21.20 -13.72
C SER A 33 -0.93 -22.28 -14.79
N GLY A 34 -1.54 -21.87 -15.90
CA GLY A 34 -1.89 -22.80 -17.01
C GLY A 34 -3.35 -23.19 -17.04
N TYR A 35 -4.10 -22.94 -15.96
CA TYR A 35 -5.50 -23.29 -15.92
C TYR A 35 -6.45 -22.16 -16.39
N ASP A 36 -7.59 -22.56 -16.88
CA ASP A 36 -8.61 -21.67 -17.37
C ASP A 36 -9.56 -21.34 -16.24
N MET A 37 -9.77 -20.05 -16.03
CA MET A 37 -10.73 -19.54 -15.05
C MET A 37 -11.96 -18.88 -15.75
N PRO A 38 -13.17 -19.37 -15.43
CA PRO A 38 -14.32 -18.72 -16.00
C PRO A 38 -14.35 -17.21 -15.65
N ALA A 39 -14.58 -16.42 -16.68
CA ALA A 39 -14.67 -14.97 -16.59
C ALA A 39 -15.92 -14.51 -15.82
N VAL A 40 -16.99 -15.31 -15.76
CA VAL A 40 -18.19 -14.89 -15.07
C VAL A 40 -18.49 -15.98 -14.12
N GLY A 41 -18.59 -15.71 -12.84
CA GLY A 41 -18.85 -16.71 -11.83
C GLY A 41 -20.04 -16.34 -10.96
N PHE A 42 -20.35 -17.23 -10.02
CA PHE A 42 -21.40 -17.07 -9.03
C PHE A 42 -20.70 -16.74 -7.70
N GLY A 43 -21.08 -15.63 -7.07
CA GLY A 43 -20.49 -15.17 -5.84
C GLY A 43 -21.24 -15.71 -4.64
N CYS A 44 -20.54 -16.40 -3.76
CA CYS A 44 -21.15 -16.98 -2.60
C CYS A 44 -21.10 -16.10 -1.38
N TRP A 45 -20.46 -14.91 -1.48
CA TRP A 45 -20.38 -13.98 -0.39
C TRP A 45 -21.80 -13.44 -0.14
N LYS A 46 -22.25 -13.51 1.11
CA LYS A 46 -23.56 -12.96 1.48
C LYS A 46 -24.80 -13.69 0.85
N VAL A 47 -24.65 -14.92 0.38
CA VAL A 47 -25.78 -15.75 -0.08
C VAL A 47 -26.66 -16.18 1.09
N ASP A 48 -27.96 -16.22 0.85
CA ASP A 48 -28.93 -16.62 1.88
C ASP A 48 -28.57 -18.04 2.39
N VAL A 49 -28.32 -18.15 3.68
CA VAL A 49 -27.91 -19.42 4.35
C VAL A 49 -28.86 -20.59 4.08
N ASP A 50 -30.16 -20.33 4.08
CA ASP A 50 -31.16 -21.40 4.07
C ASP A 50 -31.45 -21.93 2.66
N THR A 51 -31.24 -21.08 1.66
CA THR A 51 -31.32 -21.51 0.26
C THR A 51 -29.95 -21.71 -0.49
N CYS A 52 -28.84 -21.64 0.24
CA CYS A 52 -27.50 -21.66 -0.41
C CYS A 52 -27.25 -22.90 -1.24
N SER A 53 -27.40 -24.09 -0.65
CA SER A 53 -27.22 -25.33 -1.40
C SER A 53 -28.08 -25.43 -2.64
N GLU A 54 -29.37 -25.08 -2.52
CA GLU A 54 -30.27 -25.11 -3.69
C GLU A 54 -29.91 -24.06 -4.74
N GLN A 55 -29.56 -22.85 -4.32
CA GLN A 55 -29.08 -21.87 -5.31
C GLN A 55 -27.83 -22.31 -6.08
N ILE A 56 -26.89 -22.96 -5.37
CA ILE A 56 -25.66 -23.50 -6.02
C ILE A 56 -26.04 -24.53 -7.08
N TYR A 57 -26.85 -25.50 -6.66
CA TYR A 57 -27.38 -26.52 -7.60
C TYR A 57 -28.09 -25.84 -8.80
N ARG A 58 -28.99 -24.90 -8.49
CA ARG A 58 -29.72 -24.17 -9.52
C ARG A 58 -28.72 -23.49 -10.46
N ALA A 59 -27.66 -22.89 -9.90
CA ALA A 59 -26.68 -22.16 -10.72
C ALA A 59 -25.88 -23.05 -11.66
N ILE A 60 -25.46 -24.23 -11.16
CA ILE A 60 -24.78 -25.23 -11.95
C ILE A 60 -25.75 -25.64 -13.08
N LYS A 61 -27.00 -25.89 -12.73
CA LYS A 61 -27.99 -26.31 -13.75
C LYS A 61 -28.10 -25.22 -14.85
N THR A 62 -28.10 -23.96 -14.45
CA THR A 62 -28.14 -22.83 -15.41
C THR A 62 -26.89 -22.64 -16.28
N GLY A 63 -25.78 -23.28 -15.94
CA GLY A 63 -24.51 -23.14 -16.68
C GLY A 63 -23.34 -22.40 -15.96
N TYR A 64 -23.53 -21.93 -14.72
CA TYR A 64 -22.40 -21.34 -13.95
C TYR A 64 -21.43 -22.44 -13.57
N ARG A 65 -20.14 -22.15 -13.70
CA ARG A 65 -19.05 -23.13 -13.45
C ARG A 65 -18.06 -22.66 -12.37
N LEU A 66 -17.85 -21.35 -12.25
CA LEU A 66 -17.02 -20.81 -11.16
C LEU A 66 -17.88 -20.36 -9.99
N PHE A 67 -17.45 -20.79 -8.82
CA PHE A 67 -18.06 -20.46 -7.54
C PHE A 67 -17.06 -19.85 -6.60
N ASP A 68 -17.28 -18.57 -6.26
CA ASP A 68 -16.32 -17.79 -5.46
C ASP A 68 -16.75 -17.80 -4.05
N GLY A 69 -15.99 -18.52 -3.25
CA GLY A 69 -16.26 -18.85 -1.84
C GLY A 69 -15.16 -18.41 -0.93
N ALA A 70 -15.33 -18.66 0.36
CA ALA A 70 -14.32 -18.33 1.34
C ALA A 70 -14.67 -18.96 2.68
N GLU A 71 -13.68 -19.20 3.50
CA GLU A 71 -13.91 -19.73 4.85
C GLU A 71 -14.78 -18.79 5.66
N ASP A 72 -14.55 -17.46 5.56
CA ASP A 72 -15.31 -16.50 6.28
C ASP A 72 -16.82 -16.41 5.85
N TYR A 73 -17.21 -16.98 4.71
CA TYR A 73 -18.60 -16.87 4.29
C TYR A 73 -19.55 -17.79 5.11
N ALA A 74 -18.99 -18.72 5.86
CA ALA A 74 -19.65 -19.65 6.79
C ALA A 74 -20.68 -20.51 6.09
N ASN A 75 -20.44 -20.82 4.81
CA ASN A 75 -21.34 -21.61 4.04
C ASN A 75 -20.69 -22.65 3.15
N GLU A 76 -19.39 -22.94 3.33
CA GLU A 76 -18.73 -23.88 2.41
C GLU A 76 -19.36 -25.31 2.45
N LYS A 77 -19.81 -25.79 3.61
CA LYS A 77 -20.57 -27.07 3.63
C LYS A 77 -21.80 -27.00 2.73
N LEU A 78 -22.50 -25.87 2.80
CA LEU A 78 -23.70 -25.65 1.99
C LEU A 78 -23.39 -25.58 0.51
N VAL A 79 -22.31 -24.89 0.14
CA VAL A 79 -21.83 -24.94 -1.25
C VAL A 79 -21.45 -26.36 -1.69
N GLY A 80 -20.80 -27.11 -0.81
CA GLY A 80 -20.30 -28.45 -1.21
C GLY A 80 -21.49 -29.42 -1.46
N ALA A 81 -22.53 -29.23 -0.68
CA ALA A 81 -23.80 -30.03 -0.80
C ALA A 81 -24.51 -29.73 -2.10
N GLY A 82 -24.52 -28.47 -2.53
CA GLY A 82 -25.08 -28.14 -3.83
C GLY A 82 -24.27 -28.68 -4.98
N VAL A 83 -22.95 -28.50 -4.89
CA VAL A 83 -22.03 -29.09 -5.83
C VAL A 83 -22.25 -30.64 -5.91
N LYS A 84 -22.12 -31.29 -4.77
CA LYS A 84 -22.37 -32.76 -4.64
C LYS A 84 -23.65 -33.24 -5.37
N LYS A 85 -24.76 -32.55 -5.11
CA LYS A 85 -26.05 -32.88 -5.72
C LYS A 85 -25.93 -32.86 -7.22
N ALA A 86 -25.37 -31.77 -7.77
CA ALA A 86 -25.22 -31.65 -9.21
C ALA A 86 -24.30 -32.72 -9.81
N ILE A 87 -23.15 -32.99 -9.20
CA ILE A 87 -22.26 -34.05 -9.70
C ILE A 87 -22.97 -35.43 -9.65
N ASP A 88 -23.74 -35.69 -8.60
CA ASP A 88 -24.45 -36.96 -8.42
C ASP A 88 -25.51 -37.17 -9.49
N GLU A 89 -26.30 -36.15 -9.77
CA GLU A 89 -27.27 -36.21 -10.86
C GLU A 89 -26.64 -36.17 -12.27
N GLY A 90 -25.30 -36.14 -12.39
CA GLY A 90 -24.64 -36.13 -13.71
C GLY A 90 -24.65 -34.82 -14.48
N ILE A 91 -25.06 -33.71 -13.88
CA ILE A 91 -25.11 -32.38 -14.60
C ILE A 91 -23.71 -31.81 -14.94
N VAL A 92 -22.75 -31.99 -14.04
CA VAL A 92 -21.34 -31.62 -14.27
C VAL A 92 -20.43 -32.63 -13.62
N LYS A 93 -19.20 -32.67 -14.09
CA LYS A 93 -18.12 -33.41 -13.42
C LYS A 93 -17.24 -32.41 -12.64
N ARG A 94 -16.60 -32.89 -11.60
CA ARG A 94 -15.73 -32.06 -10.76
C ARG A 94 -14.74 -31.22 -11.57
N GLU A 95 -14.13 -31.81 -12.59
CA GLU A 95 -13.20 -31.08 -13.44
C GLU A 95 -13.82 -29.95 -14.24
N ASP A 96 -15.14 -29.92 -14.35
CA ASP A 96 -15.81 -28.83 -15.06
C ASP A 96 -15.99 -27.57 -14.16
N LEU A 97 -15.92 -27.74 -12.84
CA LEU A 97 -16.14 -26.66 -11.92
C LEU A 97 -14.81 -25.98 -11.54
N PHE A 98 -14.89 -24.69 -11.23
CA PHE A 98 -13.76 -23.89 -10.73
C PHE A 98 -14.19 -23.40 -9.38
N LEU A 99 -13.64 -24.01 -8.37
CA LEU A 99 -14.01 -23.66 -7.01
C LEU A 99 -12.91 -22.80 -6.39
N THR A 100 -13.26 -21.56 -6.02
CA THR A 100 -12.36 -20.64 -5.34
C THR A 100 -12.71 -20.64 -3.86
N SER A 101 -11.71 -20.77 -2.99
CA SER A 101 -11.87 -20.44 -1.56
C SER A 101 -10.78 -19.45 -1.15
N LYS A 102 -10.86 -18.97 0.06
CA LYS A 102 -9.95 -17.93 0.57
C LYS A 102 -9.56 -18.25 2.01
N LEU A 103 -8.26 -18.25 2.26
CA LEU A 103 -7.67 -18.42 3.56
C LEU A 103 -7.96 -17.26 4.51
N TRP A 104 -8.62 -17.54 5.64
CA TRP A 104 -8.97 -16.50 6.62
C TRP A 104 -7.80 -16.03 7.49
N ASN A 105 -7.97 -14.86 8.10
CA ASN A 105 -6.87 -14.04 8.69
C ASN A 105 -6.25 -14.74 9.92
N ASN A 106 -6.97 -15.69 10.55
CA ASN A 106 -6.41 -16.37 11.70
C ASN A 106 -5.44 -17.49 11.30
N TYR A 107 -5.41 -17.82 10.00
CA TYR A 107 -4.71 -19.04 9.57
C TYR A 107 -3.47 -18.83 8.71
N HIS A 108 -2.79 -17.68 8.89
CA HIS A 108 -1.59 -17.36 8.13
C HIS A 108 -0.32 -18.08 8.52
N HIS A 109 -0.20 -18.55 9.77
CA HIS A 109 1.05 -19.15 10.24
C HIS A 109 1.18 -20.43 9.44
N PRO A 110 2.40 -20.79 8.99
CA PRO A 110 2.53 -22.00 8.21
C PRO A 110 2.07 -23.27 8.94
N ASP A 111 2.11 -23.34 10.25
CA ASP A 111 1.53 -24.51 10.98
C ASP A 111 0.03 -24.69 10.76
N ASN A 112 -0.65 -23.62 10.37
CA ASN A 112 -2.06 -23.59 10.39
C ASN A 112 -2.70 -23.46 9.02
N VAL A 113 -1.93 -23.13 7.99
CA VAL A 113 -2.56 -22.88 6.70
C VAL A 113 -3.26 -24.21 6.25
N GLU A 114 -2.56 -25.33 6.34
CA GLU A 114 -3.14 -26.61 5.95
C GLU A 114 -4.35 -27.02 6.77
N LYS A 115 -4.45 -26.60 8.04
CA LYS A 115 -5.63 -26.96 8.87
C LYS A 115 -6.85 -26.29 8.31
N ALA A 116 -6.66 -25.03 7.89
CA ALA A 116 -7.73 -24.25 7.29
C ALA A 116 -8.12 -24.84 5.97
N LEU A 117 -7.13 -25.11 5.11
CA LEU A 117 -7.43 -25.62 3.81
C LEU A 117 -8.11 -27.02 3.93
N ASN A 118 -7.66 -27.85 4.85
CA ASN A 118 -8.35 -29.17 5.02
C ASN A 118 -9.81 -29.06 5.37
N ARG A 119 -10.18 -28.05 6.19
CA ARG A 119 -11.57 -27.82 6.51
C ARG A 119 -12.36 -27.35 5.28
N THR A 120 -11.79 -26.42 4.51
CA THR A 120 -12.40 -26.04 3.22
C THR A 120 -12.70 -27.23 2.33
N LEU A 121 -11.72 -28.12 2.19
CA LEU A 121 -11.82 -29.22 1.27
C LEU A 121 -12.90 -30.20 1.79
N SER A 122 -12.90 -30.38 3.10
CA SER A 122 -13.82 -31.29 3.77
C SER A 122 -15.27 -30.78 3.66
N ASP A 123 -15.46 -29.50 3.96
CA ASP A 123 -16.72 -28.79 3.72
C ASP A 123 -17.17 -28.85 2.30
N LEU A 124 -16.28 -28.57 1.35
CA LEU A 124 -16.65 -28.62 -0.08
C LEU A 124 -16.83 -30.04 -0.62
N GLN A 125 -16.53 -31.05 0.22
CA GLN A 125 -16.39 -32.43 -0.20
C GLN A 125 -15.61 -32.60 -1.49
N VAL A 126 -14.37 -32.04 -1.54
CA VAL A 126 -13.54 -32.11 -2.73
C VAL A 126 -12.10 -32.44 -2.32
N ASP A 127 -11.30 -32.86 -3.29
CA ASP A 127 -9.90 -33.22 -3.00
C ASP A 127 -8.91 -32.08 -3.24
N TYR A 128 -9.29 -31.12 -4.06
CA TYR A 128 -8.44 -29.92 -4.34
C TYR A 128 -9.36 -28.72 -4.45
N VAL A 129 -8.88 -27.48 -4.28
CA VAL A 129 -9.57 -26.31 -4.84
C VAL A 129 -8.84 -25.72 -6.05
N ASP A 130 -9.57 -25.08 -6.90
CA ASP A 130 -9.02 -24.57 -8.13
C ASP A 130 -8.21 -23.31 -7.81
N LEU A 131 -8.67 -22.53 -6.85
CA LEU A 131 -8.02 -21.28 -6.49
C LEU A 131 -8.20 -21.05 -5.00
N PHE A 132 -7.11 -20.74 -4.36
CA PHE A 132 -7.06 -20.47 -2.93
C PHE A 132 -6.29 -19.14 -2.79
N LEU A 133 -7.00 -18.15 -2.29
CA LEU A 133 -6.47 -16.80 -2.05
C LEU A 133 -6.20 -16.53 -0.59
N ILE A 134 -5.15 -15.74 -0.34
CA ILE A 134 -4.99 -15.07 0.96
C ILE A 134 -6.15 -14.01 0.99
N HIS A 135 -7.08 -14.15 1.95
CA HIS A 135 -8.27 -13.27 1.97
C HIS A 135 -7.95 -11.76 2.24
N PHE A 136 -7.11 -11.51 3.22
CA PHE A 136 -6.58 -10.14 3.54
C PHE A 136 -5.13 -10.23 4.00
N PRO A 137 -4.31 -9.18 3.75
CA PRO A 137 -2.93 -9.13 4.27
C PRO A 137 -2.91 -8.71 5.77
N VAL A 138 -3.57 -9.51 6.63
CA VAL A 138 -3.87 -9.17 8.05
C VAL A 138 -3.70 -10.52 8.78
N THR A 139 -3.01 -10.53 9.90
CA THR A 139 -2.63 -11.76 10.57
C THR A 139 -3.23 -11.84 12.03
N PHE A 140 -4.50 -12.18 12.10
CA PHE A 140 -5.20 -12.38 13.41
C PHE A 140 -4.54 -13.59 14.10
N LYS A 141 -4.48 -13.57 15.42
CA LYS A 141 -3.95 -14.68 16.19
C LYS A 141 -4.75 -15.98 15.90
N PHE A 142 -4.07 -17.09 15.81
CA PHE A 142 -4.73 -18.36 15.47
C PHE A 142 -5.73 -18.73 16.53
N VAL A 143 -6.91 -19.17 16.10
CA VAL A 143 -7.94 -19.75 16.98
C VAL A 143 -8.23 -21.20 16.52
N PRO A 144 -8.12 -22.16 17.46
CA PRO A 144 -8.43 -23.55 17.07
C PRO A 144 -9.77 -23.65 16.41
N LEU A 145 -9.84 -24.47 15.39
CA LEU A 145 -11.08 -24.66 14.65
C LEU A 145 -12.17 -25.33 15.52
N GLU A 146 -11.76 -26.11 16.52
CA GLU A 146 -12.69 -26.75 17.49
C GLU A 146 -13.35 -25.68 18.38
N GLU A 147 -12.62 -24.57 18.64
CA GLU A 147 -13.15 -23.50 19.47
C GLU A 147 -14.20 -22.71 18.75
N LYS A 148 -13.89 -22.19 17.56
CA LYS A 148 -14.88 -21.43 16.80
C LYS A 148 -14.51 -21.52 15.35
N TYR A 149 -15.52 -21.69 14.52
CA TYR A 149 -15.27 -21.81 13.10
C TYR A 149 -16.51 -21.51 12.29
N PRO A 150 -16.44 -20.54 11.38
CA PRO A 150 -15.25 -19.67 11.17
C PRO A 150 -15.16 -18.57 12.22
N PRO A 151 -13.95 -18.06 12.48
CA PRO A 151 -13.83 -17.19 13.66
C PRO A 151 -14.21 -15.73 13.44
N GLY A 152 -14.23 -15.26 12.20
CA GLY A 152 -14.56 -13.86 12.00
C GLY A 152 -13.53 -12.98 12.68
N PHE A 153 -13.96 -11.94 13.41
CA PHE A 153 -13.03 -11.09 14.14
C PHE A 153 -12.54 -11.60 15.49
N TYR A 154 -12.96 -12.81 15.89
CA TYR A 154 -12.50 -13.39 17.18
C TYR A 154 -11.07 -13.85 17.04
N CYS A 155 -10.20 -13.39 17.94
CA CYS A 155 -8.79 -13.68 17.93
C CYS A 155 -8.32 -14.36 19.23
N GLY A 156 -9.24 -15.02 19.95
CA GLY A 156 -8.89 -15.74 21.18
C GLY A 156 -8.71 -14.92 22.47
N LYS A 157 -9.24 -13.71 22.47
CA LYS A 157 -8.97 -12.74 23.54
C LYS A 157 -10.23 -11.96 23.77
N GLY A 158 -11.29 -12.71 24.02
CA GLY A 158 -12.64 -12.17 24.15
C GLY A 158 -13.11 -11.38 22.94
N ASP A 159 -13.46 -10.11 23.18
CA ASP A 159 -13.93 -9.17 22.15
C ASP A 159 -12.79 -8.39 21.49
N ASN A 160 -11.54 -8.62 21.90
CA ASN A 160 -10.41 -7.79 21.48
C ASN A 160 -9.70 -8.44 20.29
N PHE A 161 -9.23 -7.58 19.39
CA PHE A 161 -8.44 -8.05 18.27
C PHE A 161 -7.10 -8.40 18.84
N ASP A 162 -6.46 -9.43 18.34
CA ASP A 162 -5.10 -9.77 18.68
C ASP A 162 -4.42 -10.34 17.41
N TYR A 163 -3.13 -10.04 17.24
CA TYR A 163 -2.40 -10.34 16.00
C TYR A 163 -1.10 -11.15 16.25
N GLU A 164 -0.61 -11.76 15.18
CA GLU A 164 0.62 -12.53 15.21
C GLU A 164 1.54 -12.14 14.07
N ASP A 165 2.83 -12.31 14.30
CA ASP A 165 3.86 -11.80 13.40
C ASP A 165 4.29 -12.87 12.40
N VAL A 166 3.47 -13.02 11.37
CA VAL A 166 3.73 -13.94 10.32
C VAL A 166 3.77 -13.13 9.00
N PRO A 167 4.93 -12.85 8.51
CA PRO A 167 5.04 -12.15 7.23
C PRO A 167 4.30 -12.88 6.14
N ILE A 168 3.75 -12.09 5.22
CA ILE A 168 3.07 -12.59 4.06
C ILE A 168 3.81 -13.69 3.34
N LEU A 169 5.12 -13.52 3.12
CA LEU A 169 5.85 -14.51 2.35
C LEU A 169 5.88 -15.89 3.07
N GLU A 170 5.90 -15.91 4.39
CA GLU A 170 5.82 -17.21 5.10
C GLU A 170 4.56 -17.93 4.76
N THR A 171 3.45 -17.20 4.75
CA THR A 171 2.17 -17.77 4.38
C THR A 171 2.19 -18.25 2.92
N TRP A 172 2.72 -17.42 2.05
CA TRP A 172 2.78 -17.74 0.64
C TRP A 172 3.55 -19.08 0.42
N LYS A 173 4.73 -19.22 1.06
CA LYS A 173 5.53 -20.44 0.94
C LYS A 173 4.78 -21.69 1.42
N ALA A 174 3.91 -21.51 2.39
CA ALA A 174 3.08 -22.64 2.86
C ALA A 174 2.02 -23.00 1.82
N LEU A 175 1.43 -21.98 1.17
CA LEU A 175 0.53 -22.16 0.05
C LEU A 175 1.21 -22.84 -1.13
N GLU A 176 2.41 -22.43 -1.46
CA GLU A 176 3.19 -23.06 -2.51
C GLU A 176 3.37 -24.59 -2.25
N LYS A 177 3.68 -24.93 -1.00
CA LYS A 177 3.80 -26.32 -0.57
C LYS A 177 2.51 -27.09 -0.80
N LEU A 178 1.37 -26.44 -0.59
CA LEU A 178 0.09 -27.08 -0.75
C LEU A 178 -0.28 -27.26 -2.23
N VAL A 179 0.18 -26.35 -3.07
CA VAL A 179 0.06 -26.48 -4.48
C VAL A 179 0.86 -27.69 -4.94
N LYS A 180 2.11 -27.81 -4.49
CA LYS A 180 2.94 -28.92 -4.91
C LYS A 180 2.43 -30.26 -4.29
N ALA A 181 1.68 -30.19 -3.20
CA ALA A 181 0.99 -31.39 -2.61
C ALA A 181 -0.31 -31.77 -3.28
N GLY A 182 -0.73 -30.98 -4.26
CA GLY A 182 -1.88 -31.29 -5.08
C GLY A 182 -3.23 -30.87 -4.54
N LYS A 183 -3.24 -30.08 -3.46
CA LYS A 183 -4.46 -29.68 -2.81
C LYS A 183 -5.03 -28.38 -3.37
N ILE A 184 -4.21 -27.67 -4.12
CA ILE A 184 -4.63 -26.39 -4.75
C ILE A 184 -4.04 -26.36 -6.11
N ARG A 185 -4.76 -25.91 -7.13
CA ARG A 185 -4.17 -25.73 -8.44
C ARG A 185 -3.48 -24.38 -8.66
N SER A 186 -4.22 -23.32 -8.35
CA SER A 186 -3.71 -21.95 -8.52
C SER A 186 -3.86 -21.14 -7.19
N ILE A 187 -2.93 -20.21 -6.93
CA ILE A 187 -2.96 -19.44 -5.67
C ILE A 187 -2.91 -17.97 -6.03
N GLY A 188 -3.45 -17.11 -5.16
CA GLY A 188 -3.46 -15.68 -5.38
C GLY A 188 -3.80 -14.96 -4.14
N VAL A 189 -4.09 -13.67 -4.28
CA VAL A 189 -4.26 -12.78 -3.17
C VAL A 189 -5.50 -11.95 -3.38
N SER A 190 -6.13 -11.61 -2.26
CA SER A 190 -7.21 -10.68 -2.22
C SER A 190 -6.88 -9.50 -1.35
N ASN A 191 -7.34 -8.29 -1.76
CA ASN A 191 -7.21 -7.07 -0.99
C ASN A 191 -5.71 -6.70 -0.71
N PHE A 192 -4.83 -6.92 -1.69
CA PHE A 192 -3.43 -6.47 -1.63
C PHE A 192 -3.26 -5.15 -2.41
N PRO A 193 -2.68 -4.16 -1.80
CA PRO A 193 -2.20 -2.95 -2.52
C PRO A 193 -0.92 -3.19 -3.30
N GLY A 194 -0.60 -2.25 -4.14
CA GLY A 194 0.48 -2.39 -5.10
C GLY A 194 1.84 -2.68 -4.52
N ALA A 195 2.26 -1.88 -3.55
CA ALA A 195 3.54 -2.09 -2.93
C ALA A 195 3.69 -3.47 -2.31
N LEU A 196 2.63 -4.00 -1.73
CA LEU A 196 2.68 -5.32 -1.10
C LEU A 196 2.68 -6.42 -2.14
N LEU A 197 1.86 -6.27 -3.16
CA LEU A 197 1.90 -7.25 -4.28
C LEU A 197 3.29 -7.27 -4.94
N LEU A 198 3.87 -6.07 -5.13
CA LEU A 198 5.20 -5.95 -5.76
C LEU A 198 6.25 -6.71 -4.91
N ASP A 199 6.19 -6.53 -3.60
CA ASP A 199 7.13 -7.20 -2.72
C ASP A 199 6.93 -8.73 -2.69
N LEU A 200 5.69 -9.17 -2.71
CA LEU A 200 5.36 -10.63 -2.84
C LEU A 200 5.98 -11.26 -4.08
N LEU A 201 5.91 -10.54 -5.21
CA LEU A 201 6.51 -10.98 -6.46
C LEU A 201 8.02 -11.18 -6.38
N ARG A 202 8.70 -10.43 -5.53
CA ARG A 202 10.10 -10.64 -5.32
C ARG A 202 10.44 -11.94 -4.58
N GLY A 203 9.55 -12.44 -3.74
CA GLY A 203 9.88 -13.69 -2.98
C GLY A 203 9.13 -14.90 -3.49
N ALA A 204 8.14 -14.74 -4.34
CA ALA A 204 7.32 -15.87 -4.79
C ALA A 204 8.08 -16.80 -5.76
N THR A 205 7.97 -18.11 -5.56
CA THR A 205 8.43 -19.06 -6.58
C THR A 205 7.31 -19.41 -7.54
N ILE A 206 6.11 -19.64 -7.00
CA ILE A 206 4.91 -19.71 -7.80
C ILE A 206 4.29 -18.32 -7.79
N LYS A 207 4.20 -17.66 -8.95
CA LYS A 207 3.66 -16.32 -8.94
C LYS A 207 2.19 -16.31 -8.60
N PRO A 208 1.71 -15.27 -7.87
CA PRO A 208 0.28 -15.14 -7.77
C PRO A 208 -0.42 -15.21 -9.13
N SER A 209 -1.46 -16.02 -9.24
CA SER A 209 -2.24 -16.05 -10.53
C SER A 209 -3.41 -15.01 -10.63
N VAL A 210 -3.90 -14.58 -9.47
CA VAL A 210 -5.13 -13.77 -9.37
C VAL A 210 -4.93 -12.75 -8.23
N LEU A 211 -5.46 -11.55 -8.49
CA LEU A 211 -5.63 -10.48 -7.54
C LEU A 211 -7.17 -10.18 -7.49
N GLN A 212 -7.78 -10.38 -6.32
CA GLN A 212 -9.17 -10.07 -6.12
C GLN A 212 -9.31 -8.82 -5.21
N VAL A 213 -9.97 -7.80 -5.75
CA VAL A 213 -10.16 -6.53 -5.08
C VAL A 213 -11.53 -5.96 -5.34
N GLU A 214 -11.93 -5.06 -4.45
CA GLU A 214 -13.14 -4.30 -4.53
C GLU A 214 -12.91 -3.43 -5.77
N HIS A 215 -13.84 -3.48 -6.68
CA HIS A 215 -13.64 -2.77 -8.01
C HIS A 215 -14.99 -2.42 -8.62
N HIS A 216 -15.24 -1.12 -8.69
CA HIS A 216 -16.49 -0.53 -9.18
C HIS A 216 -16.18 0.89 -9.55
N PRO A 217 -17.12 1.56 -10.23
CA PRO A 217 -16.81 2.88 -10.73
C PRO A 217 -16.50 3.97 -9.69
N TYR A 218 -16.89 3.76 -8.44
CA TYR A 218 -16.53 4.68 -7.36
C TYR A 218 -15.13 4.43 -6.76
N LEU A 219 -14.55 3.27 -7.07
CA LEU A 219 -13.19 2.84 -6.61
C LEU A 219 -12.49 2.09 -7.73
N GLN A 220 -11.85 2.83 -8.63
CA GLN A 220 -11.37 2.30 -9.89
C GLN A 220 -9.98 1.82 -9.87
N GLN A 221 -9.15 2.42 -9.02
CA GLN A 221 -7.75 2.04 -8.86
C GLN A 221 -7.07 1.64 -10.15
N PRO A 222 -7.17 2.51 -11.15
CA PRO A 222 -6.69 2.11 -12.47
C PRO A 222 -5.19 1.74 -12.58
N ARG A 223 -4.31 2.37 -11.81
CA ARG A 223 -2.89 1.99 -11.82
C ARG A 223 -2.67 0.61 -11.21
N LEU A 224 -3.47 0.28 -10.22
CA LEU A 224 -3.33 -1.06 -9.65
C LEU A 224 -3.72 -2.16 -10.68
N ILE A 225 -4.85 -1.93 -11.34
CA ILE A 225 -5.33 -2.80 -12.37
C ILE A 225 -4.24 -2.92 -13.45
N GLU A 226 -3.75 -1.78 -13.91
CA GLU A 226 -2.72 -1.83 -15.01
C GLU A 226 -1.46 -2.58 -14.58
N PHE A 227 -1.04 -2.36 -13.32
CA PHE A 227 0.07 -3.08 -12.78
C PHE A 227 -0.17 -4.58 -12.82
N ALA A 228 -1.29 -5.03 -12.26
CA ALA A 228 -1.53 -6.46 -12.12
C ALA A 228 -1.59 -7.12 -13.47
N GLN A 229 -2.42 -6.51 -14.33
CA GLN A 229 -2.58 -7.00 -15.72
C GLN A 229 -1.25 -7.03 -16.48
N SER A 230 -0.42 -6.00 -16.36
CA SER A 230 0.97 -5.99 -16.99
C SER A 230 1.89 -7.15 -16.51
N ARG A 231 1.67 -7.67 -15.30
CA ARG A 231 2.42 -8.81 -14.82
C ARG A 231 1.79 -10.16 -15.10
N GLY A 232 0.73 -10.18 -15.89
CA GLY A 232 -0.02 -11.40 -16.20
C GLY A 232 -0.83 -11.97 -15.04
N ILE A 233 -1.22 -11.11 -14.09
CA ILE A 233 -2.08 -11.52 -12.98
C ILE A 233 -3.49 -11.20 -13.34
N ALA A 234 -4.39 -12.19 -13.22
CA ALA A 234 -5.78 -11.94 -13.51
C ALA A 234 -6.42 -11.19 -12.34
N VAL A 235 -7.33 -10.28 -12.66
CA VAL A 235 -8.02 -9.47 -11.67
C VAL A 235 -9.49 -9.96 -11.61
N THR A 236 -9.93 -10.30 -10.41
CA THR A 236 -11.31 -10.52 -10.12
C THR A 236 -11.85 -9.34 -9.30
N ALA A 237 -12.89 -8.69 -9.80
CA ALA A 237 -13.63 -7.64 -9.10
C ALA A 237 -14.62 -8.16 -8.15
N TYR A 238 -14.66 -7.62 -6.94
CA TYR A 238 -15.88 -7.79 -6.12
C TYR A 238 -16.57 -6.47 -5.87
N SER A 239 -17.84 -6.58 -5.45
CA SER A 239 -18.72 -5.45 -5.21
C SER A 239 -18.81 -4.60 -6.51
N SER A 240 -19.01 -5.28 -7.65
CA SER A 240 -19.08 -4.59 -9.01
C SER A 240 -20.23 -3.63 -9.02
N PHE A 241 -21.21 -3.82 -8.13
CA PHE A 241 -22.28 -2.84 -8.07
C PHE A 241 -22.12 -1.70 -7.11
N GLY A 242 -20.97 -1.56 -6.46
CA GLY A 242 -20.74 -0.53 -5.44
C GLY A 242 -21.67 -0.81 -4.21
N PRO A 243 -22.27 0.23 -3.67
CA PRO A 243 -22.95 0.05 -2.38
C PRO A 243 -24.23 -0.79 -2.53
N GLN A 244 -24.36 -1.82 -1.74
CA GLN A 244 -25.54 -2.66 -1.75
C GLN A 244 -26.10 -3.04 -0.37
N SER A 245 -25.27 -3.26 0.63
CA SER A 245 -25.72 -3.58 1.98
C SER A 245 -26.40 -2.39 2.64
N PHE A 246 -27.04 -2.69 3.77
CA PHE A 246 -27.73 -1.60 4.49
C PHE A 246 -26.70 -0.51 4.84
N VAL A 247 -25.61 -0.95 5.40
CA VAL A 247 -24.55 -0.03 5.85
C VAL A 247 -23.98 0.76 4.65
N GLU A 248 -23.68 0.08 3.55
CA GLU A 248 -23.08 0.79 2.40
C GLU A 248 -24.03 1.79 1.85
N LEU A 249 -25.33 1.47 1.79
CA LEU A 249 -26.29 2.45 1.27
C LEU A 249 -26.51 3.60 2.27
N ASN A 250 -26.45 3.31 3.57
CA ASN A 250 -26.46 4.46 4.56
C ASN A 250 -25.28 5.46 4.30
N GLN A 251 -24.09 4.93 4.10
CA GLN A 251 -22.89 5.75 3.83
C GLN A 251 -23.06 6.59 2.64
N GLY A 252 -23.56 5.95 1.59
CA GLY A 252 -23.94 6.61 0.38
C GLY A 252 -24.83 7.79 0.59
N ARG A 253 -25.91 7.61 1.33
CA ARG A 253 -26.82 8.71 1.59
C ARG A 253 -26.13 9.81 2.39
N ALA A 254 -25.30 9.43 3.35
CA ALA A 254 -24.58 10.38 4.26
C ALA A 254 -23.58 11.21 3.48
N LEU A 255 -23.06 10.61 2.41
CA LEU A 255 -22.09 11.23 1.50
C LEU A 255 -22.72 11.94 0.29
N ASN A 256 -24.04 11.98 0.21
CA ASN A 256 -24.74 12.48 -0.95
C ASN A 256 -24.29 11.86 -2.26
N THR A 257 -24.03 10.55 -2.22
CA THR A 257 -23.54 9.78 -3.38
C THR A 257 -24.59 8.78 -3.82
N SER A 258 -25.04 8.84 -5.07
CA SER A 258 -26.12 7.93 -5.45
C SER A 258 -25.64 6.47 -5.56
N PRO A 259 -26.51 5.50 -5.23
CA PRO A 259 -26.24 4.12 -5.64
C PRO A 259 -25.94 4.07 -7.12
N LEU A 260 -25.05 3.15 -7.48
CA LEU A 260 -24.62 3.08 -8.90
C LEU A 260 -25.74 2.78 -9.85
N PHE A 261 -26.74 2.01 -9.39
CA PHE A 261 -27.91 1.77 -10.21
C PHE A 261 -28.66 3.02 -10.54
N GLU A 262 -28.57 4.03 -9.70
CA GLU A 262 -29.26 5.30 -9.89
C GLU A 262 -28.38 6.42 -10.37
N ASN A 263 -27.09 6.18 -10.59
CA ASN A 263 -26.14 7.19 -10.94
C ASN A 263 -26.45 7.67 -12.38
N GLU A 264 -26.35 8.96 -12.64
CA GLU A 264 -26.86 9.48 -13.91
C GLU A 264 -26.05 9.03 -15.07
N THR A 265 -24.72 8.90 -14.91
CA THR A 265 -23.86 8.39 -15.97
C THR A 265 -24.19 6.94 -16.31
N ILE A 266 -24.33 6.14 -15.29
CA ILE A 266 -24.59 4.73 -15.52
C ILE A 266 -25.94 4.53 -16.25
N LYS A 267 -26.95 5.27 -15.81
CA LYS A 267 -28.29 5.22 -16.42
C LYS A 267 -28.27 5.73 -17.87
N ALA A 268 -27.50 6.80 -18.13
CA ALA A 268 -27.35 7.32 -19.50
C ALA A 268 -26.71 6.32 -20.48
N ILE A 269 -25.70 5.61 -20.00
CA ILE A 269 -25.04 4.57 -20.79
C ILE A 269 -25.93 3.33 -20.98
N ALA A 270 -26.66 2.96 -19.94
CA ALA A 270 -27.60 1.88 -20.05
C ALA A 270 -28.70 2.19 -21.05
N ALA A 271 -29.26 3.40 -20.94
CA ALA A 271 -30.25 3.87 -21.90
C ALA A 271 -29.76 3.85 -23.36
N LYS A 272 -28.60 4.43 -23.58
CA LYS A 272 -27.90 4.38 -24.84
C LYS A 272 -27.79 3.00 -25.42
N HIS A 273 -27.52 1.98 -24.62
CA HIS A 273 -27.38 0.63 -25.16
C HIS A 273 -28.65 -0.22 -25.04
N GLY A 274 -29.75 0.32 -24.51
CA GLY A 274 -30.92 -0.55 -24.24
C GLY A 274 -30.64 -1.64 -23.21
N LYS A 275 -29.89 -1.30 -22.18
CA LYS A 275 -29.41 -2.31 -21.21
C LYS A 275 -29.76 -1.89 -19.82
N SER A 276 -29.69 -2.80 -18.83
CA SER A 276 -29.83 -2.38 -17.46
C SER A 276 -28.52 -1.78 -16.89
N PRO A 277 -28.62 -0.90 -15.88
CA PRO A 277 -27.46 -0.40 -15.14
C PRO A 277 -26.62 -1.58 -14.61
N ALA A 278 -27.26 -2.61 -14.07
CA ALA A 278 -26.46 -3.82 -13.71
C ALA A 278 -25.61 -4.35 -14.86
N GLN A 279 -26.16 -4.41 -16.07
CA GLN A 279 -25.41 -4.94 -17.17
C GLN A 279 -24.23 -4.01 -17.53
N VAL A 280 -24.43 -2.72 -17.46
CA VAL A 280 -23.35 -1.73 -17.77
C VAL A 280 -22.24 -1.88 -16.75
N LEU A 281 -22.64 -2.02 -15.48
CA LEU A 281 -21.65 -2.19 -14.38
C LEU A 281 -20.74 -3.44 -14.52
N LEU A 282 -21.35 -4.58 -14.83
CA LEU A 282 -20.62 -5.78 -15.05
C LEU A 282 -19.80 -5.70 -16.37
N ARG A 283 -20.38 -5.13 -17.44
CA ARG A 283 -19.65 -5.10 -18.71
C ARG A 283 -18.41 -4.23 -18.65
N TRP A 284 -18.54 -3.11 -17.98
CA TRP A 284 -17.40 -2.25 -17.64
C TRP A 284 -16.12 -2.98 -17.21
N SER A 285 -16.33 -3.99 -16.40
CA SER A 285 -15.24 -4.86 -16.01
C SER A 285 -14.93 -5.99 -17.00
N SER A 286 -15.96 -6.74 -17.40
CA SER A 286 -15.74 -7.92 -18.22
C SER A 286 -15.09 -7.53 -19.59
N GLN A 287 -15.41 -6.35 -20.12
CA GLN A 287 -14.81 -5.88 -21.36
C GLN A 287 -13.34 -5.49 -21.23
N ARG A 288 -12.86 -5.25 -20.01
CA ARG A 288 -11.48 -4.95 -19.77
C ARG A 288 -10.71 -6.14 -19.32
N GLY A 289 -11.31 -7.32 -19.47
CA GLY A 289 -10.68 -8.54 -19.12
C GLY A 289 -10.66 -8.84 -17.60
N ILE A 290 -11.51 -8.19 -16.82
CA ILE A 290 -11.57 -8.42 -15.36
C ILE A 290 -12.70 -9.40 -15.09
N ALA A 291 -12.40 -10.40 -14.28
CA ALA A 291 -13.37 -11.40 -13.90
C ALA A 291 -14.40 -10.83 -12.97
N ILE A 292 -15.64 -11.37 -12.99
CA ILE A 292 -16.73 -10.88 -12.20
C ILE A 292 -17.39 -12.08 -11.51
N ILE A 293 -17.91 -11.80 -10.34
CA ILE A 293 -18.49 -12.84 -9.46
C ILE A 293 -19.76 -12.28 -8.77
N PRO A 294 -20.71 -11.78 -9.57
CA PRO A 294 -21.88 -11.10 -8.95
C PRO A 294 -22.74 -12.10 -8.09
N LYS A 295 -23.34 -11.58 -7.04
CA LYS A 295 -24.44 -12.28 -6.34
C LYS A 295 -25.66 -12.28 -7.26
N SER A 296 -26.09 -13.49 -7.63
CA SER A 296 -27.18 -13.74 -8.52
C SER A 296 -28.20 -14.57 -7.71
N ASN A 297 -28.88 -13.85 -6.82
CA ASN A 297 -29.81 -14.42 -5.81
C ASN A 297 -31.27 -14.63 -6.27
N THR A 298 -31.50 -14.57 -7.58
CA THR A 298 -32.82 -14.52 -8.18
C THR A 298 -32.64 -15.05 -9.57
N VAL A 299 -33.62 -15.78 -10.08
CA VAL A 299 -33.49 -16.35 -11.42
C VAL A 299 -33.37 -15.27 -12.53
N PRO A 300 -34.11 -14.13 -12.39
CA PRO A 300 -33.87 -12.96 -13.27
C PRO A 300 -32.41 -12.45 -13.29
N ARG A 301 -31.84 -12.18 -12.13
CA ARG A 301 -30.43 -11.76 -12.01
C ARG A 301 -29.49 -12.85 -12.56
N LEU A 302 -29.81 -14.08 -12.22
CA LEU A 302 -29.03 -15.24 -12.65
C LEU A 302 -28.84 -15.29 -14.15
N LEU A 303 -29.89 -14.99 -14.90
CA LEU A 303 -29.73 -15.09 -16.33
C LEU A 303 -29.20 -13.79 -16.95
N GLU A 304 -29.56 -12.64 -16.39
CA GLU A 304 -29.00 -11.32 -16.86
C GLU A 304 -27.48 -11.23 -16.66
N ASN A 305 -27.01 -11.76 -15.52
CA ASN A 305 -25.61 -11.64 -15.10
C ASN A 305 -24.71 -12.61 -15.83
N LYS A 306 -25.31 -13.61 -16.46
CA LYS A 306 -24.61 -14.65 -17.19
C LYS A 306 -24.39 -14.19 -18.61
N ASP A 307 -25.34 -13.42 -19.15
CA ASP A 307 -25.19 -12.73 -20.44
C ASP A 307 -25.01 -11.23 -20.19
N VAL A 308 -23.78 -10.87 -19.80
CA VAL A 308 -23.29 -9.47 -19.72
C VAL A 308 -22.56 -9.06 -21.01
N ASN A 309 -21.93 -10.03 -21.70
CA ASN A 309 -21.14 -9.75 -22.90
C ASN A 309 -21.94 -9.65 -24.21
N SER A 310 -23.21 -9.25 -24.11
CA SER A 310 -24.09 -9.13 -25.26
C SER A 310 -24.03 -7.75 -25.90
N PHE A 311 -23.16 -6.88 -25.42
CA PHE A 311 -23.02 -5.56 -26.03
C PHE A 311 -21.63 -5.05 -25.68
N ASP A 312 -21.14 -4.08 -26.43
CA ASP A 312 -19.84 -3.47 -26.16
C ASP A 312 -19.99 -2.02 -25.79
N LEU A 313 -19.32 -1.63 -24.71
CA LEU A 313 -19.19 -0.24 -24.35
C LEU A 313 -18.21 0.40 -25.33
N ASP A 314 -18.41 1.67 -25.64
CA ASP A 314 -17.48 2.32 -26.57
C ASP A 314 -16.51 3.24 -25.84
N GLU A 315 -15.68 3.94 -26.58
CA GLU A 315 -14.61 4.69 -25.95
C GLU A 315 -15.17 5.83 -25.12
N GLN A 316 -16.28 6.42 -25.53
CA GLN A 316 -16.91 7.50 -24.79
C GLN A 316 -17.53 7.01 -23.49
N ASP A 317 -18.16 5.85 -23.55
CA ASP A 317 -18.69 5.22 -22.33
C ASP A 317 -17.59 5.02 -21.28
N PHE A 318 -16.44 4.50 -21.72
CA PHE A 318 -15.30 4.25 -20.80
C PHE A 318 -14.78 5.57 -20.23
N ALA A 319 -14.65 6.60 -21.09
CA ALA A 319 -14.31 7.94 -20.60
C ALA A 319 -15.34 8.51 -19.59
N ASP A 320 -16.65 8.34 -19.84
CA ASP A 320 -17.64 8.88 -18.91
C ASP A 320 -17.60 8.15 -17.57
N ILE A 321 -17.37 6.85 -17.63
CA ILE A 321 -17.37 6.05 -16.41
C ILE A 321 -16.09 6.40 -15.59
N ALA A 322 -14.99 6.61 -16.27
CA ALA A 322 -13.74 6.94 -15.57
C ALA A 322 -13.85 8.17 -14.67
N LYS A 323 -14.71 9.13 -15.05
CA LYS A 323 -14.92 10.33 -14.25
C LYS A 323 -15.65 10.06 -12.95
N LEU A 324 -16.28 8.91 -12.81
CA LEU A 324 -16.97 8.61 -11.55
C LEU A 324 -16.11 8.29 -10.32
N ASP A 325 -14.85 7.99 -10.54
CA ASP A 325 -13.93 7.53 -9.45
C ASP A 325 -13.86 8.58 -8.39
N ILE A 326 -14.15 8.20 -7.18
CA ILE A 326 -14.11 9.10 -6.01
C ILE A 326 -13.36 8.43 -4.84
N ASN A 327 -12.72 7.30 -5.10
CA ASN A 327 -12.03 6.57 -4.06
C ASN A 327 -12.85 6.28 -2.87
N LEU A 328 -14.05 5.80 -3.12
CA LEU A 328 -14.94 5.44 -2.08
C LEU A 328 -14.82 3.94 -1.89
N ARG A 329 -14.23 3.55 -0.77
CA ARG A 329 -13.98 2.18 -0.46
C ARG A 329 -14.87 1.66 0.65
N PHE A 330 -15.62 0.61 0.33
CA PHE A 330 -16.55 0.06 1.23
C PHE A 330 -16.00 -1.02 2.15
N ASN A 331 -14.95 -1.72 1.72
CA ASN A 331 -14.38 -2.82 2.46
C ASN A 331 -13.01 -2.48 2.94
N ASP A 332 -12.94 -1.99 4.17
CA ASP A 332 -11.66 -1.37 4.65
C ASP A 332 -11.32 -1.86 6.06
N PRO A 333 -10.24 -2.65 6.21
CA PRO A 333 -9.86 -3.07 7.59
C PRO A 333 -9.51 -1.94 8.53
N TRP A 334 -9.36 -0.69 8.03
CA TRP A 334 -9.30 0.43 8.93
C TRP A 334 -10.51 0.54 9.86
N ASP A 335 -11.67 0.22 9.31
CA ASP A 335 -12.98 0.22 10.01
C ASP A 335 -13.02 -0.87 11.08
N TRP A 336 -12.25 -1.93 10.94
CA TRP A 336 -12.27 -3.00 11.96
C TRP A 336 -11.49 -2.66 13.19
N ASP A 337 -10.26 -2.18 13.02
CA ASP A 337 -9.33 -2.03 14.16
C ASP A 337 -8.17 -1.13 13.79
N LYS A 338 -8.45 -0.18 12.88
CA LYS A 338 -7.40 0.73 12.36
C LYS A 338 -6.19 -0.01 11.80
N ILE A 339 -6.47 -1.01 10.96
CA ILE A 339 -5.41 -1.79 10.36
C ILE A 339 -5.08 -1.07 9.04
N PRO A 340 -3.83 -0.76 8.84
CA PRO A 340 -3.45 0.20 7.78
C PRO A 340 -3.25 -0.41 6.37
N ILE A 341 -4.20 -1.23 5.90
CA ILE A 341 -3.97 -2.00 4.66
C ILE A 341 -4.01 -1.02 3.46
N PHE A 342 -4.94 -0.08 3.49
CA PHE A 342 -5.19 0.79 2.35
C PHE A 342 -4.75 2.22 2.60
N VAL A 343 -3.72 2.39 3.43
CA VAL A 343 -3.19 3.68 3.79
C VAL A 343 -1.69 3.75 3.43
N MET B 26 16.00 22.59 19.22
CA MET B 26 16.01 22.24 20.66
C MET B 26 15.27 20.93 20.89
N PRO B 27 13.96 20.85 20.56
CA PRO B 27 13.25 19.61 20.98
C PRO B 27 13.80 18.37 20.27
N SER B 28 13.67 17.24 20.90
CA SER B 28 14.11 16.01 20.24
C SER B 28 12.99 15.02 20.41
N ILE B 29 13.02 13.96 19.62
CA ILE B 29 12.03 12.92 19.69
C ILE B 29 12.84 11.70 20.07
N LYS B 30 12.35 10.97 21.06
CA LYS B 30 13.05 9.78 21.52
C LYS B 30 12.62 8.66 20.59
N LEU B 31 13.56 8.06 19.90
CA LEU B 31 13.24 6.93 19.01
C LEU B 31 13.09 5.66 19.84
N ASN B 32 12.45 4.67 19.25
CA ASN B 32 12.32 3.32 19.84
C ASN B 32 13.65 2.52 19.86
N SER B 33 14.70 3.04 19.25
CA SER B 33 16.02 2.52 19.45
C SER B 33 16.70 3.09 20.71
N GLY B 34 16.05 3.94 21.49
CA GLY B 34 16.69 4.57 22.66
C GLY B 34 17.45 5.86 22.33
N TYR B 35 17.73 6.16 21.05
CA TYR B 35 18.49 7.36 20.69
C TYR B 35 17.52 8.55 20.45
N ASP B 36 18.02 9.76 20.62
CA ASP B 36 17.24 10.96 20.56
C ASP B 36 17.48 11.59 19.20
N MET B 37 16.40 11.98 18.54
CA MET B 37 16.49 12.61 17.22
C MET B 37 16.00 14.06 17.30
N PRO B 38 16.80 15.02 16.82
CA PRO B 38 16.30 16.44 16.79
C PRO B 38 15.01 16.57 15.92
N ALA B 39 14.05 17.33 16.40
CA ALA B 39 12.74 17.42 15.78
C ALA B 39 12.80 18.32 14.54
N VAL B 40 13.80 19.19 14.49
CA VAL B 40 14.03 20.05 13.32
C VAL B 40 15.39 19.88 12.86
N GLY B 41 15.54 19.62 11.57
CA GLY B 41 16.85 19.46 11.02
C GLY B 41 17.08 20.30 9.79
N PHE B 42 18.29 20.17 9.28
CA PHE B 42 18.69 20.80 8.01
C PHE B 42 18.61 19.79 6.85
N GLY B 43 17.69 20.05 5.92
CA GLY B 43 17.51 19.20 4.69
C GLY B 43 18.63 19.32 3.67
N CYS B 44 19.25 18.20 3.29
CA CYS B 44 20.38 18.19 2.35
C CYS B 44 19.98 17.95 0.91
N TRP B 45 18.70 17.64 0.71
CA TRP B 45 18.17 17.37 -0.60
C TRP B 45 18.16 18.65 -1.41
N LYS B 46 18.70 18.62 -2.61
CA LYS B 46 18.80 19.84 -3.48
C LYS B 46 19.65 21.04 -2.98
N VAL B 47 20.59 20.84 -2.04
CA VAL B 47 21.49 21.93 -1.60
C VAL B 47 22.41 22.39 -2.72
N ASP B 48 22.69 23.72 -2.78
CA ASP B 48 23.61 24.26 -3.77
C ASP B 48 24.96 23.60 -3.57
N VAL B 49 25.47 23.00 -4.64
CA VAL B 49 26.71 22.20 -4.60
C VAL B 49 27.94 23.02 -4.17
N ASP B 50 28.15 24.19 -4.79
CA ASP B 50 29.38 24.97 -4.52
C ASP B 50 29.47 25.53 -3.11
N THR B 51 28.33 25.83 -2.50
CA THR B 51 28.29 26.36 -1.14
C THR B 51 27.88 25.34 -0.03
N CYS B 52 27.69 24.10 -0.44
CA CYS B 52 27.12 23.04 0.48
C CYS B 52 27.89 22.93 1.77
N SER B 53 29.20 22.76 1.63
CA SER B 53 30.03 22.48 2.86
C SER B 53 30.02 23.64 3.80
N GLU B 54 30.18 24.84 3.22
CA GLU B 54 30.07 26.07 3.99
C GLU B 54 28.68 26.29 4.65
N GLN B 55 27.59 25.96 3.95
CA GLN B 55 26.25 26.04 4.57
C GLN B 55 26.10 25.05 5.74
N ILE B 56 26.67 23.86 5.60
CA ILE B 56 26.53 22.85 6.66
C ILE B 56 27.24 23.35 7.92
N TYR B 57 28.48 23.81 7.73
CA TYR B 57 29.27 24.45 8.79
C TYR B 57 28.46 25.56 9.47
N ARG B 58 27.92 26.43 8.63
CA ARG B 58 27.02 27.53 9.12
C ARG B 58 25.82 27.08 9.91
N ALA B 59 25.10 26.07 9.41
CA ALA B 59 23.96 25.52 10.14
C ALA B 59 24.32 25.05 11.54
N ILE B 60 25.47 24.38 11.65
CA ILE B 60 25.98 23.84 12.91
C ILE B 60 26.28 24.99 13.88
N LYS B 61 27.05 25.95 13.39
CA LYS B 61 27.38 27.21 14.15
C LYS B 61 26.12 27.82 14.75
N THR B 62 25.10 27.84 13.91
CA THR B 62 23.77 28.34 14.24
C THR B 62 22.96 27.52 15.23
N GLY B 63 23.25 26.22 15.34
CA GLY B 63 22.61 25.40 16.35
C GLY B 63 21.98 24.16 15.78
N TYR B 64 21.98 24.04 14.46
CA TYR B 64 21.41 22.84 13.86
C TYR B 64 22.30 21.62 14.22
N ARG B 65 21.62 20.51 14.43
CA ARG B 65 22.24 19.25 14.83
C ARG B 65 21.89 18.04 13.92
N LEU B 66 20.67 17.97 13.37
CA LEU B 66 20.33 16.91 12.46
C LEU B 66 20.53 17.32 11.04
N PHE B 67 21.21 16.48 10.28
CA PHE B 67 21.42 16.71 8.85
C PHE B 67 20.84 15.54 8.06
N ASP B 68 19.79 15.83 7.29
CA ASP B 68 19.04 14.79 6.58
C ASP B 68 19.61 14.67 5.18
N GLY B 69 20.29 13.56 4.93
CA GLY B 69 21.09 13.32 3.73
C GLY B 69 20.70 12.05 3.04
N ALA B 70 21.36 11.75 1.94
CA ALA B 70 21.02 10.53 1.23
C ALA B 70 22.07 10.26 0.20
N GLU B 71 22.27 8.97 -0.11
CA GLU B 71 23.21 8.60 -1.18
C GLU B 71 22.81 9.32 -2.51
N ASP B 72 21.50 9.30 -2.80
CA ASP B 72 21.02 9.85 -4.09
C ASP B 72 21.21 11.39 -4.20
N TYR B 73 21.46 12.07 -3.12
CA TYR B 73 21.60 13.57 -3.20
C TYR B 73 22.92 13.99 -3.80
N ALA B 74 23.87 13.05 -3.93
CA ALA B 74 25.13 13.26 -4.60
C ALA B 74 26.00 14.32 -3.97
N ASN B 75 25.90 14.49 -2.66
CA ASN B 75 26.62 15.55 -1.95
C ASN B 75 27.17 15.11 -0.61
N GLU B 76 27.13 13.81 -0.32
CA GLU B 76 27.62 13.37 0.97
C GLU B 76 29.12 13.75 1.26
N LYS B 77 29.98 13.81 0.26
CA LYS B 77 31.36 14.34 0.50
C LYS B 77 31.34 15.81 0.99
N LEU B 78 30.42 16.59 0.45
CA LEU B 78 30.36 18.04 0.79
C LEU B 78 29.76 18.17 2.21
N VAL B 79 28.81 17.30 2.56
CA VAL B 79 28.27 17.31 3.92
C VAL B 79 29.33 16.92 4.91
N GLY B 80 30.07 15.84 4.59
CA GLY B 80 31.21 15.37 5.41
C GLY B 80 32.28 16.50 5.60
N ALA B 81 32.62 17.24 4.54
CA ALA B 81 33.60 18.37 4.67
C ALA B 81 33.14 19.41 5.67
N GLY B 82 31.87 19.80 5.60
CA GLY B 82 31.33 20.80 6.50
C GLY B 82 31.28 20.32 7.93
N VAL B 83 30.81 19.09 8.17
CA VAL B 83 30.82 18.55 9.49
C VAL B 83 32.27 18.50 10.04
N LYS B 84 33.17 17.99 9.23
CA LYS B 84 34.62 17.90 9.56
C LYS B 84 35.17 19.25 10.11
N LYS B 85 34.91 20.31 9.35
CA LYS B 85 35.41 21.65 9.70
C LYS B 85 34.84 22.09 11.05
N ALA B 86 33.53 21.93 11.27
CA ALA B 86 32.91 22.22 12.54
C ALA B 86 33.49 21.41 13.74
N ILE B 87 33.68 20.10 13.57
CA ILE B 87 34.28 19.25 14.62
C ILE B 87 35.74 19.67 14.87
N ASP B 88 36.49 19.91 13.79
CA ASP B 88 37.88 20.36 13.87
C ASP B 88 38.03 21.67 14.65
N GLU B 89 37.09 22.62 14.53
CA GLU B 89 37.16 23.86 15.32
C GLU B 89 36.64 23.77 16.73
N GLY B 90 35.99 22.66 17.05
CA GLY B 90 35.47 22.44 18.39
C GLY B 90 34.11 23.08 18.57
N ILE B 91 33.44 23.47 17.47
CA ILE B 91 32.08 24.02 17.62
C ILE B 91 31.04 22.93 18.01
N VAL B 92 31.26 21.68 17.60
CA VAL B 92 30.41 20.53 18.04
C VAL B 92 31.24 19.27 18.22
N LYS B 93 30.73 18.33 18.99
CA LYS B 93 31.30 16.99 19.03
C LYS B 93 30.44 16.04 18.13
N ARG B 94 31.07 15.02 17.56
CA ARG B 94 30.37 14.05 16.71
C ARG B 94 29.09 13.52 17.36
N GLU B 95 29.13 13.23 18.65
CA GLU B 95 27.95 12.68 19.34
C GLU B 95 26.79 13.71 19.54
N ASP B 96 27.08 14.99 19.34
CA ASP B 96 26.06 16.03 19.29
C ASP B 96 25.27 16.12 17.94
N LEU B 97 25.84 15.61 16.86
CA LEU B 97 25.24 15.65 15.56
C LEU B 97 24.38 14.39 15.37
N PHE B 98 23.39 14.50 14.49
CA PHE B 98 22.54 13.35 14.14
C PHE B 98 22.54 13.38 12.65
N LEU B 99 23.28 12.44 12.05
CA LEU B 99 23.48 12.39 10.59
C LEU B 99 22.58 11.27 10.05
N THR B 100 21.60 11.66 9.23
CA THR B 100 20.72 10.68 8.58
C THR B 100 21.23 10.42 7.20
N SER B 101 21.14 9.18 6.76
CA SER B 101 21.38 8.86 5.31
C SER B 101 20.35 7.81 4.85
N LYS B 102 20.38 7.58 3.55
CA LYS B 102 19.41 6.73 2.90
C LYS B 102 20.04 5.85 1.82
N LEU B 103 19.69 4.57 1.95
CA LEU B 103 20.16 3.49 1.07
C LEU B 103 19.36 3.56 -0.25
N TRP B 104 20.08 3.73 -1.33
CA TRP B 104 19.47 3.90 -2.61
C TRP B 104 19.07 2.54 -3.25
N ASN B 105 18.22 2.60 -4.28
CA ASN B 105 17.43 1.45 -4.80
C ASN B 105 18.25 0.31 -5.43
N ASN B 106 19.49 0.60 -5.82
CA ASN B 106 20.34 -0.37 -6.45
C ASN B 106 21.04 -1.29 -5.43
N TYR B 107 20.93 -0.94 -4.16
CA TYR B 107 21.73 -1.59 -3.11
C TYR B 107 20.94 -2.34 -2.11
N HIS B 108 19.78 -2.85 -2.48
CA HIS B 108 18.97 -3.62 -1.57
C HIS B 108 19.46 -5.08 -1.29
N HIS B 109 20.25 -5.69 -2.18
CA HIS B 109 20.68 -7.11 -1.96
C HIS B 109 21.54 -7.17 -0.71
N PRO B 110 21.37 -8.20 0.11
CA PRO B 110 22.16 -8.22 1.33
C PRO B 110 23.67 -8.22 1.18
N ASP B 111 24.20 -8.58 0.02
CA ASP B 111 25.63 -8.50 -0.24
C ASP B 111 26.03 -7.11 -0.54
N ASN B 112 25.08 -6.24 -0.88
CA ASN B 112 25.39 -4.87 -1.31
C ASN B 112 25.05 -3.75 -0.35
N VAL B 113 24.19 -4.00 0.65
CA VAL B 113 23.80 -2.95 1.55
C VAL B 113 25.08 -2.31 2.22
N GLU B 114 25.98 -3.17 2.70
CA GLU B 114 27.19 -2.70 3.37
C GLU B 114 28.12 -1.91 2.48
N LYS B 115 28.18 -2.25 1.17
CA LYS B 115 28.98 -1.46 0.21
C LYS B 115 28.49 -0.04 0.08
N ALA B 116 27.17 0.12 0.02
CA ALA B 116 26.61 1.44 -0.01
C ALA B 116 26.83 2.14 1.30
N LEU B 117 26.48 1.50 2.43
CA LEU B 117 26.76 2.16 3.67
C LEU B 117 28.25 2.61 3.79
N ASN B 118 29.18 1.78 3.39
CA ASN B 118 30.59 2.09 3.63
C ASN B 118 30.99 3.32 2.79
N ARG B 119 30.38 3.47 1.64
CA ARG B 119 30.67 4.67 0.79
C ARG B 119 30.08 5.97 1.44
N THR B 120 28.85 5.83 1.93
CA THR B 120 28.24 6.86 2.77
C THR B 120 29.16 7.28 3.94
N LEU B 121 29.74 6.30 4.64
CA LEU B 121 30.49 6.57 5.87
C LEU B 121 31.82 7.28 5.47
N SER B 122 32.39 6.82 4.37
CA SER B 122 33.61 7.38 3.81
C SER B 122 33.42 8.82 3.31
N ASP B 123 32.35 9.04 2.54
CA ASP B 123 31.99 10.40 2.11
C ASP B 123 31.74 11.33 3.26
N LEU B 124 30.92 10.88 4.23
CA LEU B 124 30.69 11.71 5.38
C LEU B 124 31.90 11.86 6.33
N GLN B 125 32.99 11.12 6.07
CA GLN B 125 34.12 11.03 6.98
C GLN B 125 33.75 10.74 8.41
N VAL B 126 32.81 9.81 8.58
CA VAL B 126 32.40 9.34 9.93
C VAL B 126 32.48 7.82 9.93
N ASP B 127 32.36 7.22 11.12
CA ASP B 127 32.39 5.72 11.24
C ASP B 127 31.05 5.12 11.60
N TYR B 128 30.04 5.94 11.92
CA TYR B 128 28.68 5.45 12.04
C TYR B 128 27.74 6.53 11.52
N VAL B 129 26.56 6.10 11.09
CA VAL B 129 25.42 7.05 10.92
C VAL B 129 24.43 6.89 11.98
N ASP B 130 23.71 7.98 12.28
CA ASP B 130 22.71 7.98 13.32
C ASP B 130 21.46 7.30 12.87
N LEU B 131 21.11 7.48 11.57
CA LEU B 131 19.88 6.91 11.05
C LEU B 131 20.13 6.56 9.62
N PHE B 132 19.84 5.30 9.28
CA PHE B 132 19.94 4.85 7.93
C PHE B 132 18.58 4.29 7.49
N LEU B 133 18.03 4.91 6.46
CA LEU B 133 16.70 4.56 5.93
C LEU B 133 16.77 3.81 4.61
N ILE B 134 15.87 2.86 4.42
CA ILE B 134 15.54 2.41 3.05
C ILE B 134 14.87 3.59 2.31
N HIS B 135 15.50 4.04 1.24
CA HIS B 135 15.02 5.26 0.54
C HIS B 135 13.66 5.01 -0.18
N PHE B 136 13.55 3.92 -0.92
CA PHE B 136 12.31 3.50 -1.52
C PHE B 136 12.18 1.99 -1.45
N PRO B 137 10.93 1.46 -1.39
CA PRO B 137 10.68 0.00 -1.47
C PRO B 137 10.71 -0.43 -2.96
N VAL B 138 11.83 -0.13 -3.60
CA VAL B 138 12.04 -0.34 -5.02
C VAL B 138 13.41 -1.03 -5.11
N THR B 139 13.56 -2.09 -5.93
CA THR B 139 14.79 -2.82 -6.03
C THR B 139 15.40 -2.80 -7.42
N PHE B 140 16.10 -1.70 -7.73
CA PHE B 140 16.89 -1.65 -8.92
C PHE B 140 18.03 -2.65 -8.90
N LYS B 141 18.35 -3.17 -10.08
CA LYS B 141 19.51 -4.02 -10.26
C LYS B 141 20.77 -3.33 -9.76
N PHE B 142 21.59 -4.08 -9.02
CA PHE B 142 22.89 -3.61 -8.54
C PHE B 142 23.76 -3.13 -9.68
N VAL B 143 24.36 -1.95 -9.46
CA VAL B 143 25.37 -1.33 -10.35
C VAL B 143 26.63 -1.15 -9.50
N PRO B 144 27.78 -1.75 -9.92
CA PRO B 144 29.00 -1.52 -9.09
C PRO B 144 29.31 -0.06 -8.88
N LEU B 145 29.75 0.30 -7.67
CA LEU B 145 29.94 1.67 -7.32
C LEU B 145 30.97 2.30 -8.26
N GLU B 146 31.99 1.54 -8.64
CA GLU B 146 33.06 2.10 -9.50
C GLU B 146 32.53 2.50 -10.87
N GLU B 147 31.46 1.85 -11.33
CA GLU B 147 30.89 2.16 -12.64
C GLU B 147 30.12 3.49 -12.72
N LYS B 148 29.22 3.69 -11.75
CA LYS B 148 28.42 4.91 -11.62
C LYS B 148 27.95 5.08 -10.16
N TYR B 149 28.28 6.20 -9.56
CA TYR B 149 27.87 6.51 -8.22
C TYR B 149 27.74 8.02 -7.99
N PRO B 150 26.59 8.47 -7.47
CA PRO B 150 25.38 7.63 -7.23
C PRO B 150 24.67 7.32 -8.55
N PRO B 151 23.99 6.16 -8.67
CA PRO B 151 23.50 5.79 -9.99
C PRO B 151 22.21 6.41 -10.45
N GLY B 152 21.46 7.05 -9.56
CA GLY B 152 20.10 7.48 -9.89
C GLY B 152 19.23 6.38 -10.52
N PHE B 153 18.69 6.63 -11.72
CA PHE B 153 17.86 5.64 -12.42
C PHE B 153 18.63 4.65 -13.29
N TYR B 154 19.97 4.75 -13.31
CA TYR B 154 20.76 3.79 -14.05
C TYR B 154 20.69 2.37 -13.36
N CYS B 155 20.35 1.36 -14.15
CA CYS B 155 20.18 -0.04 -13.69
C CYS B 155 21.10 -1.04 -14.44
N GLY B 156 22.13 -0.52 -15.13
CA GLY B 156 23.09 -1.38 -15.83
C GLY B 156 22.63 -1.83 -17.21
N LYS B 157 21.67 -1.13 -17.79
CA LYS B 157 21.02 -1.60 -19.01
C LYS B 157 20.66 -0.39 -19.85
N GLY B 158 21.69 0.40 -20.14
CA GLY B 158 21.56 1.63 -20.88
C GLY B 158 20.63 2.59 -20.17
N ASP B 159 19.55 2.96 -20.85
CA ASP B 159 18.53 3.88 -20.34
C ASP B 159 17.31 3.17 -19.76
N ASN B 160 17.33 1.84 -19.78
CA ASN B 160 16.20 1.06 -19.35
C ASN B 160 16.30 0.79 -17.84
N PHE B 161 15.15 0.69 -17.22
CA PHE B 161 15.08 0.23 -15.83
C PHE B 161 15.29 -1.27 -15.82
N ASP B 162 15.88 -1.79 -14.75
CA ASP B 162 15.99 -3.20 -14.59
C ASP B 162 15.95 -3.48 -13.12
N TYR B 163 15.31 -4.58 -12.70
CA TYR B 163 15.07 -4.81 -11.25
C TYR B 163 15.62 -6.14 -10.79
N GLU B 164 15.68 -6.33 -9.47
CA GLU B 164 16.07 -7.60 -8.87
C GLU B 164 15.13 -8.03 -7.77
N ASP B 165 15.02 -9.33 -7.64
CA ASP B 165 14.08 -9.93 -6.71
C ASP B 165 14.63 -10.08 -5.28
N VAL B 166 14.68 -8.97 -4.56
CA VAL B 166 15.12 -8.92 -3.14
C VAL B 166 13.97 -8.41 -2.26
N PRO B 167 13.31 -9.31 -1.53
CA PRO B 167 12.23 -8.84 -0.65
C PRO B 167 12.77 -7.88 0.40
N ILE B 168 11.92 -6.96 0.84
CA ILE B 168 12.28 -5.87 1.75
C ILE B 168 12.88 -6.50 2.98
N LEU B 169 12.33 -7.62 3.44
CA LEU B 169 12.84 -8.15 4.68
C LEU B 169 14.29 -8.65 4.60
N GLU B 170 14.74 -9.07 3.40
CA GLU B 170 16.12 -9.41 3.19
C GLU B 170 17.02 -8.18 3.42
N THR B 171 16.63 -7.07 2.83
CA THR B 171 17.38 -5.85 3.03
C THR B 171 17.35 -5.44 4.51
N TRP B 172 16.20 -5.54 5.13
CA TRP B 172 16.02 -5.18 6.53
C TRP B 172 16.97 -5.99 7.43
N LYS B 173 17.05 -7.30 7.21
CA LYS B 173 17.96 -8.12 8.03
C LYS B 173 19.40 -7.74 7.85
N ALA B 174 19.79 -7.36 6.63
CA ALA B 174 21.14 -6.89 6.38
C ALA B 174 21.43 -5.54 7.10
N LEU B 175 20.43 -4.65 7.13
CA LEU B 175 20.46 -3.46 8.00
C LEU B 175 20.57 -3.81 9.50
N GLU B 176 19.81 -4.79 9.94
CA GLU B 176 19.92 -5.31 11.33
C GLU B 176 21.34 -5.70 11.74
N LYS B 177 22.00 -6.40 10.82
CA LYS B 177 23.38 -6.86 10.94
C LYS B 177 24.35 -5.68 11.17
N LEU B 178 24.12 -4.59 10.45
CA LEU B 178 24.90 -3.39 10.53
C LEU B 178 24.66 -2.58 11.82
N VAL B 179 23.46 -2.61 12.41
CA VAL B 179 23.20 -2.04 13.71
C VAL B 179 23.96 -2.86 14.75
N LYS B 180 23.85 -4.16 14.65
CA LYS B 180 24.69 -5.03 15.52
C LYS B 180 26.23 -4.82 15.42
N ALA B 181 26.75 -4.51 14.24
CA ALA B 181 28.13 -4.12 14.05
C ALA B 181 28.44 -2.66 14.54
N GLY B 182 27.41 -1.87 14.82
CA GLY B 182 27.59 -0.53 15.36
C GLY B 182 27.85 0.53 14.30
N LYS B 183 27.62 0.20 13.05
CA LYS B 183 27.87 1.16 11.93
C LYS B 183 26.66 2.07 11.66
N ILE B 184 25.51 1.63 12.18
CA ILE B 184 24.30 2.39 12.14
C ILE B 184 23.70 2.39 13.51
N ARG B 185 23.23 3.52 14.02
CA ARG B 185 22.48 3.47 15.30
C ARG B 185 21.02 3.05 15.21
N SER B 186 20.29 3.72 14.32
CA SER B 186 18.87 3.52 14.20
C SER B 186 18.56 3.32 12.70
N ILE B 187 17.59 2.47 12.42
CA ILE B 187 17.25 2.14 11.05
C ILE B 187 15.77 2.44 10.84
N GLY B 188 15.42 2.83 9.60
CA GLY B 188 14.04 3.02 9.25
C GLY B 188 13.78 2.97 7.78
N VAL B 189 12.61 3.50 7.42
CA VAL B 189 12.17 3.44 6.05
C VAL B 189 11.64 4.79 5.59
N SER B 190 11.77 5.02 4.29
CA SER B 190 11.12 6.09 3.62
C SER B 190 10.17 5.56 2.53
N ASN B 191 9.06 6.29 2.31
CA ASN B 191 8.19 6.08 1.16
C ASN B 191 7.57 4.68 1.24
N PHE B 192 7.27 4.21 2.44
CA PHE B 192 6.55 2.91 2.68
C PHE B 192 5.08 3.17 2.94
N PRO B 193 4.20 2.53 2.17
CA PRO B 193 2.83 2.68 2.54
C PRO B 193 2.51 1.72 3.71
N GLY B 194 1.34 1.92 4.30
CA GLY B 194 0.90 1.18 5.47
C GLY B 194 0.96 -0.35 5.46
N ALA B 195 0.51 -0.97 4.38
CA ALA B 195 0.41 -2.44 4.29
C ALA B 195 1.80 -3.01 4.28
N LEU B 196 2.70 -2.27 3.61
CA LEU B 196 4.11 -2.67 3.53
C LEU B 196 4.85 -2.50 4.84
N LEU B 197 4.60 -1.37 5.52
CA LEU B 197 5.19 -1.17 6.83
C LEU B 197 4.64 -2.22 7.84
N LEU B 198 3.36 -2.45 7.80
CA LEU B 198 2.73 -3.46 8.66
C LEU B 198 3.42 -4.84 8.52
N ASP B 199 3.66 -5.22 7.28
CA ASP B 199 4.29 -6.46 6.97
C ASP B 199 5.75 -6.55 7.42
N LEU B 200 6.53 -5.48 7.27
CA LEU B 200 7.86 -5.39 7.77
C LEU B 200 7.92 -5.56 9.30
N LEU B 201 6.99 -4.94 10.00
CA LEU B 201 6.91 -5.07 11.49
C LEU B 201 6.72 -6.52 11.92
N ARG B 202 6.00 -7.30 11.13
CA ARG B 202 5.87 -8.75 11.37
C ARG B 202 7.21 -9.52 11.30
N GLY B 203 8.15 -9.04 10.52
CA GLY B 203 9.40 -9.79 10.34
C GLY B 203 10.59 -9.14 10.96
N ALA B 204 10.45 -7.92 11.44
CA ALA B 204 11.58 -7.15 11.96
C ALA B 204 11.92 -7.61 13.38
N THR B 205 13.20 -7.79 13.67
CA THR B 205 13.69 -7.98 15.04
C THR B 205 13.99 -6.65 15.70
N ILE B 206 14.73 -5.79 15.00
CA ILE B 206 14.82 -4.35 15.36
C ILE B 206 13.71 -3.65 14.59
N LYS B 207 12.78 -3.06 15.33
CA LYS B 207 11.67 -2.35 14.77
C LYS B 207 12.15 -1.07 14.06
N PRO B 208 11.53 -0.75 12.92
CA PRO B 208 11.85 0.55 12.28
C PRO B 208 11.60 1.69 13.28
N SER B 209 12.46 2.67 13.33
CA SER B 209 12.36 3.79 14.28
C SER B 209 11.81 5.02 13.63
N VAL B 210 11.94 5.12 12.30
CA VAL B 210 11.39 6.28 11.63
C VAL B 210 10.72 5.87 10.30
N LEU B 211 9.67 6.60 9.95
CA LEU B 211 9.03 6.58 8.64
C LEU B 211 9.11 8.00 8.09
N GLN B 212 9.78 8.13 6.96
CA GLN B 212 9.95 9.44 6.33
C GLN B 212 9.10 9.44 5.09
N VAL B 213 8.16 10.40 4.98
CA VAL B 213 7.21 10.46 3.84
C VAL B 213 6.93 11.87 3.40
N GLU B 214 6.52 12.00 2.13
CA GLU B 214 5.97 13.26 1.58
C GLU B 214 4.78 13.65 2.43
N HIS B 215 4.83 14.81 3.05
CA HIS B 215 3.79 15.22 3.98
C HIS B 215 3.62 16.74 4.03
N HIS B 216 2.45 17.15 3.61
CA HIS B 216 2.06 18.53 3.48
C HIS B 216 0.53 18.60 3.40
N PRO B 217 -0.04 19.82 3.47
CA PRO B 217 -1.48 19.89 3.52
C PRO B 217 -2.26 19.36 2.33
N TYR B 218 -1.62 19.22 1.18
CA TYR B 218 -2.29 18.60 0.03
C TYR B 218 -2.27 17.05 0.01
N LEU B 219 -1.43 16.42 0.86
CA LEU B 219 -1.25 14.95 0.99
C LEU B 219 -1.00 14.66 2.51
N GLN B 220 -2.07 14.57 3.23
CA GLN B 220 -1.99 14.57 4.67
C GLN B 220 -1.96 13.14 5.22
N GLN B 221 -2.49 12.15 4.50
CA GLN B 221 -2.43 10.67 4.90
C GLN B 221 -2.60 10.51 6.43
N PRO B 222 -3.69 11.03 6.98
CA PRO B 222 -3.72 11.11 8.44
C PRO B 222 -3.73 9.69 9.06
N ARG B 223 -4.29 8.73 8.33
CA ARG B 223 -4.32 7.36 8.83
C ARG B 223 -2.97 6.71 8.92
N LEU B 224 -2.10 7.07 7.98
CA LEU B 224 -0.76 6.56 7.98
C LEU B 224 0.01 7.12 9.17
N ILE B 225 -0.08 8.42 9.38
CA ILE B 225 0.58 9.10 10.51
C ILE B 225 0.06 8.45 11.81
N GLU B 226 -1.24 8.27 11.88
CA GLU B 226 -1.84 7.71 13.12
C GLU B 226 -1.32 6.30 13.36
N PHE B 227 -1.29 5.48 12.34
CA PHE B 227 -0.69 4.16 12.43
C PHE B 227 0.80 4.14 12.90
N ALA B 228 1.64 4.92 12.25
CA ALA B 228 3.03 4.96 12.63
C ALA B 228 3.23 5.40 14.11
N GLN B 229 2.55 6.49 14.47
CA GLN B 229 2.70 7.10 15.79
C GLN B 229 2.15 6.14 16.85
N SER B 230 1.11 5.41 16.53
CA SER B 230 0.60 4.31 17.42
C SER B 230 1.54 3.16 17.68
N ARG B 231 2.44 2.91 16.72
CA ARG B 231 3.44 1.87 16.82
C ARG B 231 4.71 2.34 17.41
N GLY B 232 4.76 3.59 17.83
CA GLY B 232 6.00 4.16 18.33
C GLY B 232 7.06 4.52 17.33
N ILE B 233 6.69 4.74 16.08
CA ILE B 233 7.63 5.05 15.02
C ILE B 233 7.54 6.56 14.79
N ALA B 234 8.66 7.25 14.82
CA ALA B 234 8.64 8.72 14.57
C ALA B 234 8.42 8.96 13.06
N VAL B 235 7.74 10.04 12.73
CA VAL B 235 7.51 10.42 11.34
C VAL B 235 8.31 11.67 11.04
N THR B 236 9.00 11.64 9.90
CA THR B 236 9.75 12.79 9.37
C THR B 236 8.99 13.15 8.04
N ALA B 237 8.48 14.35 7.99
CA ALA B 237 7.93 14.94 6.78
C ALA B 237 8.99 15.44 5.85
N TYR B 238 8.82 15.11 4.58
CA TYR B 238 9.52 15.85 3.55
C TYR B 238 8.53 16.58 2.59
N SER B 239 9.10 17.52 1.84
CA SER B 239 8.29 18.36 0.92
C SER B 239 7.20 19.13 1.68
N SER B 240 7.57 19.67 2.85
CA SER B 240 6.62 20.33 3.75
C SER B 240 5.89 21.54 3.06
N PHE B 241 6.51 22.15 2.08
CA PHE B 241 5.88 23.21 1.32
C PHE B 241 5.02 22.80 0.15
N GLY B 242 4.91 21.48 -0.12
CA GLY B 242 4.03 20.91 -1.13
C GLY B 242 4.45 21.20 -2.59
N PRO B 243 3.57 20.87 -3.56
CA PRO B 243 3.95 21.00 -4.95
C PRO B 243 4.25 22.46 -5.30
N GLN B 244 5.17 22.64 -6.22
CA GLN B 244 5.59 23.97 -6.65
C GLN B 244 5.50 24.20 -8.17
N SER B 245 5.83 23.22 -9.00
CA SER B 245 5.91 23.40 -10.47
C SER B 245 4.57 23.11 -11.12
N PHE B 246 4.45 23.42 -12.44
CA PHE B 246 3.18 23.16 -13.09
C PHE B 246 2.93 21.67 -13.07
N VAL B 247 3.96 20.87 -13.37
CA VAL B 247 3.77 19.43 -13.44
C VAL B 247 3.25 18.96 -12.05
N GLU B 248 3.91 19.41 -10.99
CA GLU B 248 3.60 18.91 -9.62
C GLU B 248 2.22 19.35 -9.19
N LEU B 249 1.86 20.60 -9.58
CA LEU B 249 0.55 21.08 -9.28
C LEU B 249 -0.60 20.44 -10.06
N ASN B 250 -0.32 19.75 -11.14
CA ASN B 250 -1.36 19.10 -11.91
C ASN B 250 -1.27 17.55 -11.92
N GLN B 251 -0.66 17.03 -10.86
CA GLN B 251 -0.49 15.59 -10.66
C GLN B 251 -1.86 14.88 -10.64
N GLY B 252 -1.92 13.68 -11.26
CA GLY B 252 -3.14 12.84 -11.34
C GLY B 252 -4.29 13.65 -11.90
N ARG B 253 -5.39 13.75 -11.13
CA ARG B 253 -6.61 14.54 -11.49
C ARG B 253 -6.73 15.96 -10.90
N ALA B 254 -5.66 16.44 -10.26
CA ALA B 254 -5.60 17.84 -9.80
C ALA B 254 -5.56 18.76 -11.00
N LEU B 255 -6.22 19.89 -10.94
CA LEU B 255 -6.15 20.82 -12.05
C LEU B 255 -6.03 22.24 -11.54
N ASN B 256 -4.94 22.92 -11.86
CA ASN B 256 -4.73 24.32 -11.43
C ASN B 256 -4.69 24.48 -9.93
N THR B 257 -4.02 23.55 -9.23
CA THR B 257 -3.86 23.63 -7.79
C THR B 257 -3.00 24.83 -7.49
N SER B 258 -3.32 25.60 -6.48
CA SER B 258 -2.38 26.69 -6.18
C SER B 258 -1.24 26.19 -5.25
N PRO B 259 -0.03 26.78 -5.38
CA PRO B 259 1.02 26.56 -4.40
C PRO B 259 0.55 26.92 -3.02
N LEU B 260 0.96 26.12 -2.03
CA LEU B 260 0.55 26.34 -0.64
C LEU B 260 0.87 27.75 -0.12
N PHE B 261 2.01 28.33 -0.50
CA PHE B 261 2.32 29.72 -0.17
C PHE B 261 1.22 30.73 -0.56
N GLU B 262 0.54 30.47 -1.68
CA GLU B 262 -0.50 31.35 -2.20
C GLU B 262 -1.88 30.88 -1.88
N ASN B 263 -2.01 29.84 -1.04
CA ASN B 263 -3.28 29.24 -0.80
C ASN B 263 -4.00 30.09 0.23
N GLU B 264 -5.31 30.25 0.07
CA GLU B 264 -6.03 31.31 0.83
C GLU B 264 -6.08 30.94 2.34
N THR B 265 -6.33 29.67 2.60
CA THR B 265 -6.34 29.19 3.96
C THR B 265 -5.01 29.43 4.64
N ILE B 266 -3.94 28.99 3.97
CA ILE B 266 -2.60 29.16 4.52
C ILE B 266 -2.28 30.65 4.75
N LYS B 267 -2.55 31.49 3.78
CA LYS B 267 -2.31 32.93 4.00
C LYS B 267 -3.09 33.54 5.18
N ALA B 268 -4.34 33.18 5.29
CA ALA B 268 -5.17 33.69 6.38
C ALA B 268 -4.66 33.24 7.74
N ILE B 269 -4.19 31.99 7.84
CA ILE B 269 -3.66 31.54 9.13
C ILE B 269 -2.33 32.25 9.47
N ALA B 270 -1.52 32.47 8.45
CA ALA B 270 -0.30 33.19 8.61
C ALA B 270 -0.54 34.62 9.12
N ALA B 271 -1.45 35.31 8.49
CA ALA B 271 -1.81 36.68 8.90
C ALA B 271 -2.40 36.70 10.31
N LYS B 272 -3.32 35.78 10.62
CA LYS B 272 -3.84 35.59 11.96
C LYS B 272 -2.76 35.55 13.05
N HIS B 273 -1.65 34.82 12.84
CA HIS B 273 -0.58 34.67 13.83
C HIS B 273 0.63 35.58 13.64
N GLY B 274 0.61 36.45 12.62
CA GLY B 274 1.76 37.28 12.27
C GLY B 274 2.99 36.48 11.93
N LYS B 275 2.78 35.37 11.20
CA LYS B 275 3.87 34.49 10.76
C LYS B 275 3.88 34.38 9.25
N SER B 276 4.91 33.74 8.72
CA SER B 276 5.01 33.54 7.27
C SER B 276 4.25 32.25 6.92
N PRO B 277 3.84 32.11 5.66
CA PRO B 277 3.21 30.85 5.23
C PRO B 277 4.13 29.66 5.50
N ALA B 278 5.44 29.80 5.22
CA ALA B 278 6.43 28.75 5.53
C ALA B 278 6.37 28.36 7.03
N GLN B 279 6.30 29.33 7.92
CA GLN B 279 6.17 28.99 9.34
C GLN B 279 4.91 28.20 9.66
N VAL B 280 3.78 28.56 9.03
CA VAL B 280 2.52 27.87 9.27
C VAL B 280 2.66 26.44 8.77
N LEU B 281 3.20 26.30 7.57
CA LEU B 281 3.34 24.96 6.98
C LEU B 281 4.25 24.01 7.82
N LEU B 282 5.31 24.54 8.39
CA LEU B 282 6.23 23.71 9.22
C LEU B 282 5.68 23.41 10.59
N ARG B 283 5.04 24.42 11.17
CA ARG B 283 4.36 24.27 12.43
C ARG B 283 3.19 23.28 12.38
N TRP B 284 2.44 23.25 11.28
CA TRP B 284 1.36 22.26 11.14
C TRP B 284 1.87 20.77 11.42
N SER B 285 3.09 20.50 10.98
CA SER B 285 3.79 19.23 11.27
C SER B 285 4.47 19.21 12.68
N SER B 286 5.32 20.20 12.97
CA SER B 286 6.12 20.22 14.26
C SER B 286 5.22 20.15 15.49
N GLN B 287 4.05 20.81 15.43
CA GLN B 287 3.11 20.81 16.53
C GLN B 287 2.48 19.42 16.76
N ARG B 288 2.48 18.53 15.75
CA ARG B 288 1.83 17.17 15.87
C ARG B 288 2.87 16.07 16.15
N GLY B 289 4.09 16.49 16.51
CA GLY B 289 5.18 15.58 16.84
C GLY B 289 5.86 15.00 15.63
N ILE B 290 5.68 15.63 14.47
CA ILE B 290 6.27 15.20 13.22
C ILE B 290 7.53 15.95 13.01
N ALA B 291 8.64 15.24 12.72
CA ALA B 291 9.91 15.85 12.53
C ALA B 291 9.92 16.53 11.20
N ILE B 292 10.64 17.64 11.12
CA ILE B 292 10.76 18.37 9.87
C ILE B 292 12.22 18.54 9.46
N ILE B 293 12.43 18.70 8.16
CA ILE B 293 13.74 18.81 7.60
C ILE B 293 13.75 19.86 6.46
N PRO B 294 13.34 21.09 6.78
CA PRO B 294 13.27 22.12 5.73
C PRO B 294 14.61 22.47 5.10
N LYS B 295 14.57 22.89 3.86
CA LYS B 295 15.76 23.39 3.21
C LYS B 295 15.86 24.85 3.60
N SER B 296 17.01 25.29 4.06
CA SER B 296 17.19 26.60 4.64
C SER B 296 18.37 27.19 3.96
N ASN B 297 18.13 27.89 2.87
CA ASN B 297 19.26 28.37 2.03
C ASN B 297 19.74 29.83 2.29
N THR B 298 19.14 30.56 3.22
CA THR B 298 19.70 31.85 3.68
C THR B 298 19.63 31.84 5.19
N VAL B 299 20.33 32.78 5.83
CA VAL B 299 20.41 32.85 7.31
C VAL B 299 19.06 33.24 7.94
N PRO B 300 18.31 34.19 7.35
CA PRO B 300 16.95 34.46 7.86
C PRO B 300 16.10 33.18 7.89
N ARG B 301 16.08 32.47 6.77
CA ARG B 301 15.39 31.18 6.65
C ARG B 301 15.89 30.12 7.65
N LEU B 302 17.21 29.97 7.80
CA LEU B 302 17.79 29.13 8.86
C LEU B 302 17.24 29.41 10.22
N LEU B 303 17.25 30.68 10.59
CA LEU B 303 16.88 31.07 11.95
C LEU B 303 15.40 30.97 12.14
N GLU B 304 14.67 31.30 11.08
CA GLU B 304 13.24 31.18 11.11
C GLU B 304 12.84 29.70 11.23
N ASN B 305 13.43 28.82 10.43
CA ASN B 305 12.93 27.43 10.37
C ASN B 305 13.31 26.69 11.64
N LYS B 306 14.33 27.15 12.33
CA LYS B 306 14.81 26.54 13.57
C LYS B 306 13.86 26.88 14.72
N ASP B 307 13.19 28.02 14.60
CA ASP B 307 12.25 28.52 15.61
C ASP B 307 10.92 27.70 15.57
N VAL B 308 10.86 26.62 16.36
CA VAL B 308 9.72 25.68 16.30
C VAL B 308 8.57 26.18 17.12
N ASN B 309 8.87 26.52 18.37
CA ASN B 309 7.84 26.82 19.35
C ASN B 309 7.44 28.31 19.43
N SER B 310 7.67 29.11 18.37
CA SER B 310 7.34 30.53 18.48
C SER B 310 5.81 30.80 18.50
N PHE B 311 4.99 29.84 18.06
CA PHE B 311 3.54 30.00 18.15
C PHE B 311 2.86 28.67 18.10
N ASP B 312 1.60 28.65 18.49
CA ASP B 312 0.75 27.48 18.38
C ASP B 312 -0.42 27.75 17.48
N LEU B 313 -0.70 26.78 16.61
CA LEU B 313 -1.94 26.78 15.87
C LEU B 313 -3.07 26.31 16.80
N ASP B 314 -4.27 26.85 16.63
CA ASP B 314 -5.44 26.40 17.44
C ASP B 314 -6.31 25.41 16.64
N GLU B 315 -7.31 24.83 17.28
CA GLU B 315 -8.12 23.79 16.65
C GLU B 315 -8.83 24.20 15.38
N GLN B 316 -9.17 25.48 15.28
CA GLN B 316 -9.75 26.03 14.07
C GLN B 316 -8.77 25.99 12.89
N ASP B 317 -7.53 26.42 13.14
CA ASP B 317 -6.45 26.33 12.19
C ASP B 317 -6.23 24.90 11.68
N PHE B 318 -6.25 23.94 12.60
CA PHE B 318 -6.00 22.53 12.20
C PHE B 318 -7.13 22.04 11.36
N ALA B 319 -8.35 22.42 11.79
CA ALA B 319 -9.56 22.11 11.11
C ALA B 319 -9.59 22.66 9.73
N ASP B 320 -9.16 23.92 9.61
CA ASP B 320 -9.12 24.59 8.33
C ASP B 320 -8.07 23.97 7.39
N ILE B 321 -6.90 23.61 7.95
CA ILE B 321 -5.87 22.98 7.11
C ILE B 321 -6.27 21.57 6.67
N ALA B 322 -6.88 20.81 7.59
CA ALA B 322 -7.43 19.51 7.29
C ALA B 322 -8.27 19.45 6.02
N LYS B 323 -9.08 20.49 5.76
CA LYS B 323 -9.92 20.52 4.57
C LYS B 323 -9.15 20.73 3.27
N LEU B 324 -7.90 21.16 3.32
CA LEU B 324 -7.05 21.21 2.15
C LEU B 324 -6.64 19.86 1.58
N ASP B 325 -6.84 18.75 2.29
CA ASP B 325 -6.32 17.42 1.81
C ASP B 325 -6.99 17.02 0.47
N ILE B 326 -6.19 16.85 -0.57
CA ILE B 326 -6.68 16.39 -1.88
C ILE B 326 -5.98 15.13 -2.39
N ASN B 327 -5.20 14.47 -1.53
CA ASN B 327 -4.31 13.40 -1.97
C ASN B 327 -3.48 13.69 -3.20
N LEU B 328 -2.81 14.82 -3.16
CA LEU B 328 -1.94 15.19 -4.23
C LEU B 328 -0.51 14.83 -3.89
N ARG B 329 -0.01 13.80 -4.56
CA ARG B 329 1.28 13.25 -4.33
C ARG B 329 2.19 13.55 -5.49
N PHE B 330 3.25 14.30 -5.23
CA PHE B 330 4.13 14.71 -6.34
C PHE B 330 5.50 13.98 -6.40
N ASN B 331 5.81 13.08 -5.45
CA ASN B 331 7.03 12.26 -5.51
C ASN B 331 6.60 10.83 -5.63
N ASP B 332 6.47 10.34 -6.86
CA ASP B 332 5.84 9.06 -7.07
C ASP B 332 6.61 8.21 -8.10
N PRO B 333 7.14 7.02 -7.68
CA PRO B 333 7.73 6.06 -8.61
C PRO B 333 6.89 5.63 -9.83
N TRP B 334 5.58 5.87 -9.78
CA TRP B 334 4.73 5.61 -10.91
C TRP B 334 5.21 6.44 -12.15
N ASP B 335 5.64 7.65 -11.87
CA ASP B 335 6.17 8.57 -12.85
C ASP B 335 7.53 8.10 -13.42
N TRP B 336 8.35 7.36 -12.66
CA TRP B 336 9.63 6.83 -13.16
C TRP B 336 9.40 5.77 -14.23
N ASP B 337 8.61 4.74 -13.90
CA ASP B 337 8.58 3.50 -14.63
C ASP B 337 7.35 2.65 -14.26
N LYS B 338 6.25 3.30 -13.89
CA LYS B 338 4.99 2.63 -13.56
C LYS B 338 5.18 1.59 -12.38
N ILE B 339 5.90 2.06 -11.40
CA ILE B 339 6.22 1.27 -10.14
C ILE B 339 5.06 1.51 -9.19
N PRO B 340 4.37 0.42 -8.75
CA PRO B 340 3.08 0.51 -8.04
C PRO B 340 3.22 0.71 -6.53
N ILE B 341 4.16 1.56 -6.11
CA ILE B 341 4.41 1.78 -4.65
C ILE B 341 3.22 2.42 -3.99
N PHE B 342 2.57 3.39 -4.65
CA PHE B 342 1.46 4.12 -4.02
C PHE B 342 0.08 3.87 -4.60
N VAL B 343 -0.11 2.66 -5.05
CA VAL B 343 -1.28 2.29 -5.72
C VAL B 343 -1.89 0.99 -5.03
C1 GOL C . -13.88 -9.25 0.89
O1 GOL C . -12.60 -9.68 0.39
C2 GOL C . -15.00 -10.16 0.39
O2 GOL C . -14.94 -11.44 1.02
C3 GOL C . -14.95 -10.35 -1.11
O3 GOL C . -13.83 -11.16 -1.55
C1 GOL D . 12.91 12.76 0.31
O1 GOL D . 13.35 11.87 1.38
C2 GOL D . 12.93 11.94 -0.98
O2 GOL D . 12.34 10.52 -0.73
C3 GOL D . 14.45 12.19 -1.21
O3 GOL D . 14.87 11.84 -2.57
#